data_1ZF4
# 
_entry.id   1ZF4 
# 
_audit_conform.dict_name       mmcif_pdbx.dic 
_audit_conform.dict_version    5.389 
_audit_conform.dict_location   http://mmcif.pdb.org/dictionaries/ascii/mmcif_pdbx.dic 
# 
loop_
_database_2.database_id 
_database_2.database_code 
_database_2.pdbx_database_accession 
_database_2.pdbx_DOI 
PDB   1ZF4         pdb_00001zf4 10.2210/pdb1zf4/pdb 
NDB   UD0061       ?            ?                   
RCSB  RCSB032647   ?            ?                   
WWPDB D_1000032647 ?            ?                   
# 
loop_
_pdbx_audit_revision_history.ordinal 
_pdbx_audit_revision_history.data_content_type 
_pdbx_audit_revision_history.major_revision 
_pdbx_audit_revision_history.minor_revision 
_pdbx_audit_revision_history.revision_date 
1 'Structure model' 1 0 2005-05-10 
2 'Structure model' 1 1 2008-04-30 
3 'Structure model' 1 2 2011-07-13 
4 'Structure model' 1 3 2017-10-11 
5 'Structure model' 1 4 2024-02-14 
6 'Structure model' 1 5 2024-04-03 
# 
_pdbx_audit_revision_details.ordinal             1 
_pdbx_audit_revision_details.revision_ordinal    1 
_pdbx_audit_revision_details.data_content_type   'Structure model' 
_pdbx_audit_revision_details.provider            repository 
_pdbx_audit_revision_details.type                'Initial release' 
_pdbx_audit_revision_details.description         ? 
_pdbx_audit_revision_details.details             ? 
# 
loop_
_pdbx_audit_revision_group.ordinal 
_pdbx_audit_revision_group.revision_ordinal 
_pdbx_audit_revision_group.data_content_type 
_pdbx_audit_revision_group.group 
1 2 'Structure model' 'Version format compliance' 
2 3 'Structure model' Advisory                    
3 3 'Structure model' 'Version format compliance' 
4 4 'Structure model' 'Refinement description'    
5 5 'Structure model' 'Data collection'           
6 5 'Structure model' 'Database references'       
7 5 'Structure model' 'Derived calculations'      
8 6 'Structure model' 'Refinement description'    
# 
loop_
_pdbx_audit_revision_category.ordinal 
_pdbx_audit_revision_category.revision_ordinal 
_pdbx_audit_revision_category.data_content_type 
_pdbx_audit_revision_category.category 
1 4 'Structure model' software                      
2 5 'Structure model' chem_comp_atom                
3 5 'Structure model' chem_comp_bond                
4 5 'Structure model' database_2                    
5 5 'Structure model' struct_site                   
6 6 'Structure model' pdbx_initial_refinement_model 
# 
loop_
_pdbx_audit_revision_item.ordinal 
_pdbx_audit_revision_item.revision_ordinal 
_pdbx_audit_revision_item.data_content_type 
_pdbx_audit_revision_item.item 
1 5 'Structure model' '_database_2.pdbx_DOI'                
2 5 'Structure model' '_database_2.pdbx_database_accession' 
3 5 'Structure model' '_struct_site.pdbx_auth_asym_id'      
4 5 'Structure model' '_struct_site.pdbx_auth_comp_id'      
5 5 'Structure model' '_struct_site.pdbx_auth_seq_id'       
# 
_pdbx_database_status.entry_id                        1ZF4 
_pdbx_database_status.deposit_site                    RCSB 
_pdbx_database_status.process_site                    RCSB 
_pdbx_database_status.recvd_initial_deposition_date   2005-04-19 
_pdbx_database_status.status_code                     REL 
_pdbx_database_status.status_code_sf                  REL 
_pdbx_database_status.status_code_mr                  ? 
_pdbx_database_status.SG_entry                        ? 
_pdbx_database_status.pdb_format_compatible           Y 
_pdbx_database_status.status_code_cs                  ? 
_pdbx_database_status.methods_development_category    ? 
_pdbx_database_status.status_code_nmr_data            ? 
# 
loop_
_pdbx_database_related.db_name 
_pdbx_database_related.db_id 
_pdbx_database_related.details 
_pdbx_database_related.content_type 
PDB 1P4Y . unspecified 
PDB 1P4Z . unspecified 
PDB 1DCW . unspecified 
PDB 1DCV . unspecified 
PDB 1ZEW . unspecified 
PDB 1ZEX . unspecified 
PDB 1ZEY . unspecified 
PDB 1ZEZ . unspecified 
PDB 1ZF0 . unspecified 
PDB 1ZF1 . unspecified 
PDB 1ZF2 . unspecified 
PDB 1ZF3 . unspecified 
PDB 1ZF5 . unspecified 
PDB 1ZF6 . unspecified 
PDB 1ZF7 . unspecified 
PDB 1ZF8 . unspecified 
PDB 1ZF9 . unspecified 
PDB 1ZFA . unspecified 
PDB 1ZFB . unspecified 
PDB 1ZFC . unspecified 
PDB 1ZFE . unspecified 
PDB 1ZFF . unspecified 
PDB 1ZFG . unspecified 
PDB 1ZFH . unspecified 
PDB 1ZFM . unspecified 
# 
loop_
_audit_author.name 
_audit_author.pdbx_ordinal 
'Hays, F.A.'      1 
'Teegarden, A.T.' 2 
'Jones, Z.J.R.'   3 
'Harms, M.'       4 
'Raup, D.'        5 
'Watson, J.'      6 
'Cavaliere, E.'   7 
'Ho, P.S.'        8 
# 
_citation.id                        primary 
_citation.title                     'How sequence defines structure: a crystallographic map of DNA structure and conformation.' 
_citation.journal_abbrev            Proc.Natl.Acad.Sci.Usa 
_citation.journal_volume            102 
_citation.page_first                7157 
_citation.page_last                 7162 
_citation.year                      2005 
_citation.journal_id_ASTM           PNASA6 
_citation.country                   US 
_citation.journal_id_ISSN           0027-8424 
_citation.journal_id_CSD            0040 
_citation.book_publisher            ? 
_citation.pdbx_database_id_PubMed   15870206 
_citation.pdbx_database_id_DOI      10.1073/pnas.0409455102 
# 
loop_
_citation_author.citation_id 
_citation_author.name 
_citation_author.ordinal 
_citation_author.identifier_ORCID 
primary 'Hays, F.A.'    1 ? 
primary 'Teegarden, A.' 2 ? 
primary 'Jones, Z.J.'   3 ? 
primary 'Harms, M.'     4 ? 
primary 'Raup, D.'      5 ? 
primary 'Watson, J.'    6 ? 
primary 'Cavaliere, E.' 7 ? 
primary 'Ho, P.S.'      8 ? 
# 
loop_
_entity.id 
_entity.type 
_entity.src_method 
_entity.pdbx_description 
_entity.formula_weight 
_entity.pdbx_number_of_molecules 
_entity.pdbx_ec 
_entity.pdbx_mutation 
_entity.pdbx_fragment 
_entity.details 
1 polymer     syn "5'-D(*CP*CP*GP*AP*TP*AP*TP*CP*GP*G)-3'" 3045.005 2   ? ? ? ? 
2 non-polymer syn 'SODIUM ION'                             22.990   1   ? ? ? ? 
3 water       nat water                                    18.015   118 ? ? ? ? 
# 
_entity_poly.entity_id                      1 
_entity_poly.type                           polydeoxyribonucleotide 
_entity_poly.nstd_linkage                   no 
_entity_poly.nstd_monomer                   no 
_entity_poly.pdbx_seq_one_letter_code       '(DC)(DC)(DG)(DA)(DT)(DA)(DT)(DC)(DG)(DG)' 
_entity_poly.pdbx_seq_one_letter_code_can   CCGATATCGG 
_entity_poly.pdbx_strand_id                 A,B 
_entity_poly.pdbx_target_identifier         ? 
# 
loop_
_pdbx_entity_nonpoly.entity_id 
_pdbx_entity_nonpoly.name 
_pdbx_entity_nonpoly.comp_id 
2 'SODIUM ION' NA  
3 water        HOH 
# 
loop_
_entity_poly_seq.entity_id 
_entity_poly_seq.num 
_entity_poly_seq.mon_id 
_entity_poly_seq.hetero 
1 1  DC n 
1 2  DC n 
1 3  DG n 
1 4  DA n 
1 5  DT n 
1 6  DA n 
1 7  DT n 
1 8  DC n 
1 9  DG n 
1 10 DG n 
# 
_pdbx_entity_src_syn.entity_id              1 
_pdbx_entity_src_syn.pdbx_src_id            1 
_pdbx_entity_src_syn.pdbx_alt_source_flag   sample 
_pdbx_entity_src_syn.pdbx_beg_seq_num       ? 
_pdbx_entity_src_syn.pdbx_end_seq_num       ? 
_pdbx_entity_src_syn.organism_scientific    ? 
_pdbx_entity_src_syn.organism_common_name   ? 
_pdbx_entity_src_syn.ncbi_taxonomy_id       ? 
_pdbx_entity_src_syn.details                
;DNA WAS SYNTHESIZED ON AN APPLIED BIOSYSTEMS DNA SYNTHESIZER USING PHOSPHORAMIDITE CHEMISTRY, WITH THE TRITYL-PROTECTING GROUP LEFT INTACT AT THE 5'-TERMINAL NUCLEOTIDE THEN DEPROTECTED BY TREATMENT WITH 3% ACETIC ACID FOR FIFTEEN MINUTES, NEUTRALIZED WITH AMMONIUM HYDROXIDE, AND DESALTED ON A SIGMA G-25 SEPHADEX COLUMN.
;
# 
loop_
_chem_comp.id 
_chem_comp.type 
_chem_comp.mon_nstd_flag 
_chem_comp.name 
_chem_comp.pdbx_synonyms 
_chem_comp.formula 
_chem_comp.formula_weight 
DA  'DNA linking' y "2'-DEOXYADENOSINE-5'-MONOPHOSPHATE" ? 'C10 H14 N5 O6 P' 331.222 
DC  'DNA linking' y "2'-DEOXYCYTIDINE-5'-MONOPHOSPHATE"  ? 'C9 H14 N3 O7 P'  307.197 
DG  'DNA linking' y "2'-DEOXYGUANOSINE-5'-MONOPHOSPHATE" ? 'C10 H14 N5 O7 P' 347.221 
DT  'DNA linking' y "THYMIDINE-5'-MONOPHOSPHATE"         ? 'C10 H15 N2 O8 P' 322.208 
HOH non-polymer   . WATER                                ? 'H2 O'            18.015  
NA  non-polymer   . 'SODIUM ION'                         ? 'Na 1'            22.990  
# 
loop_
_pdbx_poly_seq_scheme.asym_id 
_pdbx_poly_seq_scheme.entity_id 
_pdbx_poly_seq_scheme.seq_id 
_pdbx_poly_seq_scheme.mon_id 
_pdbx_poly_seq_scheme.ndb_seq_num 
_pdbx_poly_seq_scheme.pdb_seq_num 
_pdbx_poly_seq_scheme.auth_seq_num 
_pdbx_poly_seq_scheme.pdb_mon_id 
_pdbx_poly_seq_scheme.auth_mon_id 
_pdbx_poly_seq_scheme.pdb_strand_id 
_pdbx_poly_seq_scheme.pdb_ins_code 
_pdbx_poly_seq_scheme.hetero 
A 1 1  DC 1  1  1  DC C A . n 
A 1 2  DC 2  2  2  DC C A . n 
A 1 3  DG 3  3  3  DG G A . n 
A 1 4  DA 4  4  4  DA A A . n 
A 1 5  DT 5  5  5  DT T A . n 
A 1 6  DA 6  6  6  DA A A . n 
A 1 7  DT 7  7  7  DT T A . n 
A 1 8  DC 8  8  8  DC C A . n 
A 1 9  DG 9  9  9  DG G A . n 
A 1 10 DG 10 10 10 DG G A . n 
B 1 1  DC 1  11 11 DC C B . n 
B 1 2  DC 2  12 12 DC C B . n 
B 1 3  DG 3  13 13 DG G B . n 
B 1 4  DA 4  14 14 DA A B . n 
B 1 5  DT 5  15 15 DT T B . n 
B 1 6  DA 6  16 16 DA A B . n 
B 1 7  DT 7  17 17 DT T B . n 
B 1 8  DC 8  18 18 DC C B . n 
B 1 9  DG 9  19 19 DG G B . n 
B 1 10 DG 10 20 20 DG G B . n 
# 
loop_
_pdbx_nonpoly_scheme.asym_id 
_pdbx_nonpoly_scheme.entity_id 
_pdbx_nonpoly_scheme.mon_id 
_pdbx_nonpoly_scheme.ndb_seq_num 
_pdbx_nonpoly_scheme.pdb_seq_num 
_pdbx_nonpoly_scheme.auth_seq_num 
_pdbx_nonpoly_scheme.pdb_mon_id 
_pdbx_nonpoly_scheme.auth_mon_id 
_pdbx_nonpoly_scheme.pdb_strand_id 
_pdbx_nonpoly_scheme.pdb_ins_code 
C 2 NA  1  68  68  NA  NA  A . 
D 3 HOH 1  21  21  HOH HOH A . 
D 3 HOH 2  22  22  HOH HOH A . 
D 3 HOH 3  24  24  HOH HOH A . 
D 3 HOH 4  25  25  HOH HOH A . 
D 3 HOH 5  30  30  HOH HOH A . 
D 3 HOH 6  33  33  HOH HOH A . 
D 3 HOH 7  41  41  HOH HOH A . 
D 3 HOH 8  42  42  HOH HOH A . 
D 3 HOH 9  43  43  HOH HOH A . 
D 3 HOH 10 45  45  HOH HOH A . 
D 3 HOH 11 47  47  HOH HOH A . 
D 3 HOH 12 48  48  HOH HOH A . 
D 3 HOH 13 49  49  HOH HOH A . 
D 3 HOH 14 50  50  HOH HOH A . 
D 3 HOH 15 54  54  HOH HOH A . 
D 3 HOH 16 56  56  HOH HOH A . 
D 3 HOH 17 57  57  HOH HOH A . 
D 3 HOH 18 58  58  HOH HOH A . 
D 3 HOH 19 59  59  HOH HOH A . 
D 3 HOH 20 60  60  HOH HOH A . 
D 3 HOH 21 61  61  HOH HOH A . 
D 3 HOH 22 62  62  HOH HOH A . 
D 3 HOH 23 63  63  HOH HOH A . 
D 3 HOH 24 64  64  HOH HOH A . 
D 3 HOH 25 69  69  HOH HOH A . 
D 3 HOH 26 70  70  HOH HOH A . 
D 3 HOH 27 71  71  HOH HOH A . 
D 3 HOH 28 73  73  HOH HOH A . 
D 3 HOH 29 74  74  HOH HOH A . 
D 3 HOH 30 76  76  HOH HOH A . 
D 3 HOH 31 77  77  HOH HOH A . 
D 3 HOH 32 78  78  HOH HOH A . 
D 3 HOH 33 81  81  HOH HOH A . 
D 3 HOH 34 84  84  HOH HOH A . 
D 3 HOH 35 86  86  HOH HOH A . 
D 3 HOH 36 89  89  HOH HOH A . 
D 3 HOH 37 94  94  HOH HOH A . 
D 3 HOH 38 98  98  HOH HOH A . 
D 3 HOH 39 99  99  HOH HOH A . 
D 3 HOH 40 100 100 HOH HOH A . 
D 3 HOH 41 102 102 HOH HOH A . 
D 3 HOH 42 103 103 HOH HOH A . 
D 3 HOH 43 105 105 HOH HOH A . 
D 3 HOH 44 106 106 HOH HOH A . 
D 3 HOH 45 107 107 HOH HOH A . 
D 3 HOH 46 108 108 HOH HOH A . 
D 3 HOH 47 109 109 HOH HOH A . 
D 3 HOH 48 110 110 HOH HOH A . 
D 3 HOH 49 114 114 HOH HOH A . 
D 3 HOH 50 115 115 HOH HOH A . 
D 3 HOH 51 118 118 HOH HOH A . 
D 3 HOH 52 119 119 HOH HOH A . 
D 3 HOH 53 120 120 HOH HOH A . 
D 3 HOH 54 121 121 HOH HOH A . 
D 3 HOH 55 122 122 HOH HOH A . 
D 3 HOH 56 123 123 HOH HOH A . 
D 3 HOH 57 125 125 HOH HOH A . 
D 3 HOH 58 127 127 HOH HOH A . 
D 3 HOH 59 128 128 HOH HOH A . 
D 3 HOH 60 132 132 HOH HOH A . 
D 3 HOH 61 134 134 HOH HOH A . 
D 3 HOH 62 139 139 HOH HOH A . 
E 3 HOH 1  23  23  HOH HOH B . 
E 3 HOH 2  26  26  HOH HOH B . 
E 3 HOH 3  27  27  HOH HOH B . 
E 3 HOH 4  28  28  HOH HOH B . 
E 3 HOH 5  29  29  HOH HOH B . 
E 3 HOH 6  31  31  HOH HOH B . 
E 3 HOH 7  32  32  HOH HOH B . 
E 3 HOH 8  34  34  HOH HOH B . 
E 3 HOH 9  35  35  HOH HOH B . 
E 3 HOH 10 36  36  HOH HOH B . 
E 3 HOH 11 37  37  HOH HOH B . 
E 3 HOH 12 38  38  HOH HOH B . 
E 3 HOH 13 39  39  HOH HOH B . 
E 3 HOH 14 40  40  HOH HOH B . 
E 3 HOH 15 44  44  HOH HOH B . 
E 3 HOH 16 46  46  HOH HOH B . 
E 3 HOH 17 51  51  HOH HOH B . 
E 3 HOH 18 52  52  HOH HOH B . 
E 3 HOH 19 53  53  HOH HOH B . 
E 3 HOH 20 55  55  HOH HOH B . 
E 3 HOH 21 65  65  HOH HOH B . 
E 3 HOH 22 66  66  HOH HOH B . 
E 3 HOH 23 67  67  HOH HOH B . 
E 3 HOH 24 72  72  HOH HOH B . 
E 3 HOH 25 75  75  HOH HOH B . 
E 3 HOH 26 79  79  HOH HOH B . 
E 3 HOH 27 80  80  HOH HOH B . 
E 3 HOH 28 82  82  HOH HOH B . 
E 3 HOH 29 83  83  HOH HOH B . 
E 3 HOH 30 85  85  HOH HOH B . 
E 3 HOH 31 87  87  HOH HOH B . 
E 3 HOH 32 88  88  HOH HOH B . 
E 3 HOH 33 90  90  HOH HOH B . 
E 3 HOH 34 91  91  HOH HOH B . 
E 3 HOH 35 92  92  HOH HOH B . 
E 3 HOH 36 93  93  HOH HOH B . 
E 3 HOH 37 95  95  HOH HOH B . 
E 3 HOH 38 96  96  HOH HOH B . 
E 3 HOH 39 97  97  HOH HOH B . 
E 3 HOH 40 101 101 HOH HOH B . 
E 3 HOH 41 104 104 HOH HOH B . 
E 3 HOH 42 111 111 HOH HOH B . 
E 3 HOH 43 112 112 HOH HOH B . 
E 3 HOH 44 113 113 HOH HOH B . 
E 3 HOH 45 116 116 HOH HOH B . 
E 3 HOH 46 117 117 HOH HOH B . 
E 3 HOH 47 124 124 HOH HOH B . 
E 3 HOH 48 126 126 HOH HOH B . 
E 3 HOH 49 129 129 HOH HOH B . 
E 3 HOH 50 130 130 HOH HOH B . 
E 3 HOH 51 131 131 HOH HOH B . 
E 3 HOH 52 133 133 HOH HOH B . 
E 3 HOH 53 135 135 HOH HOH B . 
E 3 HOH 54 136 136 HOH HOH B . 
E 3 HOH 55 137 137 HOH HOH B . 
E 3 HOH 56 138 138 HOH HOH B . 
# 
loop_
_software.name 
_software.version 
_software.date 
_software.type 
_software.contact_author 
_software.contact_author_email 
_software.classification 
_software.location 
_software.language 
_software.citation_id 
_software.pdbx_ordinal 
DENZO     .        ? package 'Zbyszek Otwinowski' zbyszek@mix.swmed.edu 'data reduction' 
http://www.lnls.br/infra/linhasluz/denzo-hkl.htm ?       ? 1 
SCALEPACK .        ? package 'Zbyszek Otwinowski' zbyszek@mix.swmed.edu 'data scaling'   
http://www.lnls.br/infra/linhasluz/denzo-hkl.htm ?       ? 2 
REFMAC    5.2.0005 ? program 'Murshudov, G.N.'    ccp4@dl.ac.uk         refinement       http://www.ccp4.ac.uk/main.html Fortran ? 
3 
EPMR      .        ? ?       ?                    ?                     phasing          ? ?       ? 4 
# 
_cell.length_a           64.936 
_cell.length_b           24.034 
_cell.length_c           40.286 
_cell.angle_alpha        90.00 
_cell.angle_beta         118.69 
_cell.angle_gamma        90.00 
_cell.entry_id           1ZF4 
_cell.pdbx_unique_axis   ? 
_cell.Z_PDB              8 
# 
_symmetry.space_group_name_H-M             'C 1 2 1' 
_symmetry.Int_Tables_number                5 
_symmetry.entry_id                         1ZF4 
_symmetry.pdbx_full_space_group_name_H-M   ? 
_symmetry.cell_setting                     ? 
_symmetry.space_group_name_Hall            ? 
# 
_exptl.crystals_number   1 
_exptl.method            'X-RAY DIFFRACTION' 
_exptl.entry_id          1ZF4 
# 
_exptl_crystal.id                    1 
_exptl_crystal.density_percent_sol   45.67 
_exptl_crystal.density_Matthews      2.26 
_exptl_crystal.density_meas          ? 
_exptl_crystal.description           ? 
_exptl_crystal.F_000                 ? 
_exptl_crystal.preparation           ? 
# 
_exptl_crystal_grow.crystal_id      1 
_exptl_crystal_grow.method          'VAPOR DIFFUSION, SITTING DROP' 
_exptl_crystal_grow.pH              7.0 
_exptl_crystal_grow.temp            298 
_exptl_crystal_grow.pdbx_details    
'Na Cacodylate, CaCl2, Spermine, MPD in resevoir, pH 7.0, VAPOR DIFFUSION, SITTING DROP, temperature 298K' 
_exptl_crystal_grow.temp_details    ? 
_exptl_crystal_grow.pdbx_pH_range   . 
# 
loop_
_exptl_crystal_grow_comp.crystal_id 
_exptl_crystal_grow_comp.id 
_exptl_crystal_grow_comp.sol_id 
_exptl_crystal_grow_comp.name 
_exptl_crystal_grow_comp.conc 
_exptl_crystal_grow_comp.volume 
_exptl_crystal_grow_comp.details 
1 1 1 'Na Cacodylate' ? ? ? 
1 2 1 CaCl2           ? ? ? 
1 3 1 Spermine        ? ? ? 
1 4 1 MPD             ? ? ? 
1 5 1 H2O             ? ? ? 
1 6 2 'Na Cacodylate' ? ? ? 
1 7 2 CaCl2           ? ? ? 
1 8 2 MPD             ? ? ? 
1 9 2 H2O             ? ? ? 
# 
_diffrn.id                     1 
_diffrn.ambient_temp           103 
_diffrn.ambient_temp_details   ? 
_diffrn.crystal_id             1 
# 
_diffrn_detector.diffrn_id              1 
_diffrn_detector.detector               CCD 
_diffrn_detector.type                   MARRESEARCH 
_diffrn_detector.pdbx_collection_date   2004-02-26 
_diffrn_detector.details                ? 
# 
_diffrn_radiation.diffrn_id                        1 
_diffrn_radiation.pdbx_diffrn_protocol             'SINGLE WAVELENGTH' 
_diffrn_radiation.wavelength_id                    1 
_diffrn_radiation.monochromator                    ? 
_diffrn_radiation.pdbx_monochromatic_or_laue_m_l   ? 
_diffrn_radiation.pdbx_scattering_type             x-ray 
# 
_diffrn_radiation_wavelength.id           1 
_diffrn_radiation_wavelength.wavelength   1.072 
_diffrn_radiation_wavelength.wt           1.0 
# 
_diffrn_source.diffrn_id                   1 
_diffrn_source.source                      SYNCHROTRON 
_diffrn_source.type                        'APS BEAMLINE 14-ID-B' 
_diffrn_source.pdbx_wavelength_list        1.072 
_diffrn_source.pdbx_wavelength             ? 
_diffrn_source.pdbx_synchrotron_site       APS 
_diffrn_source.pdbx_synchrotron_beamline   14-ID-B 
# 
_reflns.entry_id                     1ZF4 
_reflns.d_resolution_low             12.7 
_reflns.d_resolution_high            1.65 
_reflns.number_obs                   5414 
_reflns.percent_possible_obs         79.300 
_reflns.pdbx_Rmerge_I_obs            0.055 
_reflns.pdbx_chi_squared             1.051 
_reflns.pdbx_redundancy              ? 
_reflns.pdbx_scaling_rejects         ? 
_reflns.pdbx_netI_over_sigmaI        15.5 
_reflns.pdbx_Rsym_value              0.054 
_reflns.observed_criterion_sigma_F   0 
_reflns.observed_criterion_sigma_I   0 
_reflns.number_all                   ? 
_reflns.B_iso_Wilson_estimate        ? 
_reflns.R_free_details               ? 
_reflns.pdbx_ordinal                 1 
_reflns.pdbx_diffrn_id               1 
# 
_reflns_shell.d_res_low              1.71 
_reflns_shell.d_res_high             1.65 
_reflns_shell.number_measured_obs    216 
_reflns_shell.percent_possible_obs   32.700 
_reflns_shell.Rmerge_I_obs           0.174 
_reflns_shell.pdbx_chi_squared       0.680 
_reflns_shell.pdbx_redundancy        ? 
_reflns_shell.number_unique_obs      ? 
_reflns_shell.meanI_over_sigI_obs    3.8 
_reflns_shell.pdbx_Rsym_value        0.179 
_reflns_shell.percent_possible_all   48.3 
_reflns_shell.number_unique_all      ? 
_reflns_shell.number_measured_all    ? 
_reflns_shell.pdbx_ordinal           1 
_reflns_shell.pdbx_diffrn_id         1 
# 
_refine.ls_d_res_high                            1.650 
_refine.ls_d_res_low                             12.700 
_refine.ls_percent_reflns_obs                    96.530 
_refine.ls_number_reflns_obs                     4894 
_refine.pdbx_ls_cross_valid_method               THROUGHOUT 
_refine.pdbx_R_Free_selection_details            RANDOM 
_refine.ls_R_factor_all                          ? 
_refine.ls_R_factor_R_work                       0.231 
_refine.ls_R_factor_R_free                       0.275 
_refine.ls_percent_reflns_R_free                 10.200 
_refine.ls_number_reflns_R_free                  555 
_refine.B_iso_mean                               10.578 
_refine.aniso_B[1][1]                            -0.290 
_refine.aniso_B[2][2]                            0.820 
_refine.aniso_B[3][3]                            -0.490 
_refine.aniso_B[1][2]                            0.000 
_refine.aniso_B[1][3]                            0.040 
_refine.aniso_B[2][3]                            0.000 
_refine.correlation_coeff_Fo_to_Fc               0.856 
_refine.correlation_coeff_Fo_to_Fc_free          0.788 
_refine.pdbx_overall_ESU_R                       0.172 
_refine.pdbx_overall_ESU_R_Free                  0.156 
_refine.overall_SU_ML                            0.107 
_refine.overall_SU_B                             5.511 
_refine.solvent_model_details                    MASK 
_refine.pdbx_solvent_vdw_probe_radii             1.200 
_refine.pdbx_solvent_ion_probe_radii             0.800 
_refine.pdbx_solvent_shrinkage_radii             0.800 
_refine.pdbx_stereochemistry_target_values       'MAXIMUM LIKELIHOOD' 
_refine.entry_id                                 1ZF4 
_refine.pdbx_ls_sigma_F                          0 
_refine.pdbx_ls_sigma_I                          ? 
_refine.ls_number_reflns_all                     ? 
_refine.ls_R_factor_obs                          0.268 
_refine.ls_redundancy_reflns_obs                 ? 
_refine.pdbx_data_cutoff_high_absF               ? 
_refine.pdbx_data_cutoff_low_absF                ? 
_refine.ls_number_parameters                     ? 
_refine.ls_number_restraints                     ? 
_refine.ls_R_factor_R_free_error                 ? 
_refine.ls_R_factor_R_free_error_details         ? 
_refine.pdbx_method_to_determine_struct          'MOLECULAR REPLACEMENT' 
_refine.pdbx_starting_model                      'ndb entry UD0058' 
_refine.pdbx_stereochem_target_val_spec_case     ? 
_refine.solvent_model_param_bsol                 ? 
_refine.solvent_model_param_ksol                 ? 
_refine.occupancy_max                            ? 
_refine.occupancy_min                            ? 
_refine.pdbx_isotropic_thermal_model             ? 
_refine.details                                  ? 
_refine.overall_SU_R_Cruickshank_DPI             ? 
_refine.overall_SU_R_free                        ? 
_refine.pdbx_data_cutoff_high_rms_absF           ? 
_refine.ls_wR_factor_R_free                      ? 
_refine.ls_wR_factor_R_work                      ? 
_refine.overall_FOM_free_R_set                   ? 
_refine.overall_FOM_work_R_set                   ? 
_refine.pdbx_refine_id                           'X-RAY DIFFRACTION' 
_refine.pdbx_TLS_residual_ADP_flag               'LIKELY RESIDUAL' 
_refine.pdbx_diffrn_id                           1 
_refine.pdbx_overall_phase_error                 ? 
_refine.pdbx_overall_SU_R_free_Cruickshank_DPI   ? 
_refine.pdbx_overall_SU_R_Blow_DPI               ? 
_refine.pdbx_overall_SU_R_free_Blow_DPI          ? 
# 
_refine_hist.pdbx_refine_id                   'X-RAY DIFFRACTION' 
_refine_hist.cycle_id                         LAST 
_refine_hist.pdbx_number_atoms_protein        0 
_refine_hist.pdbx_number_atoms_nucleic_acid   404 
_refine_hist.pdbx_number_atoms_ligand         1 
_refine_hist.number_atoms_solvent             118 
_refine_hist.number_atoms_total               523 
_refine_hist.d_res_high                       1.650 
_refine_hist.d_res_low                        12.700 
# 
loop_
_refine_ls_restr.type 
_refine_ls_restr.number 
_refine_ls_restr.dev_ideal 
_refine_ls_restr.dev_ideal_target 
_refine_ls_restr.weight 
_refine_ls_restr.pdbx_refine_id 
_refine_ls_restr.pdbx_restraint_function 
r_bond_refined_d         452 0.010 0.021 ? 'X-RAY DIFFRACTION' ? 
r_angle_refined_deg      694 1.794 3.000 ? 'X-RAY DIFFRACTION' ? 
r_chiral_restr           78  0.070 0.200 ? 'X-RAY DIFFRACTION' ? 
r_gen_planes_refined     206 0.008 0.020 ? 'X-RAY DIFFRACTION' ? 
r_nbd_refined            197 0.276 0.200 ? 'X-RAY DIFFRACTION' ? 
r_nbtor_refined          265 0.308 0.200 ? 'X-RAY DIFFRACTION' ? 
r_xyhbond_nbd_refined    88  0.289 0.200 ? 'X-RAY DIFFRACTION' ? 
r_symmetry_vdw_refined   41  0.246 0.200 ? 'X-RAY DIFFRACTION' ? 
r_symmetry_hbond_refined 21  0.317 0.200 ? 'X-RAY DIFFRACTION' ? 
r_scbond_it              535 1.317 3.000 ? 'X-RAY DIFFRACTION' ? 
r_scangle_it             694 1.668 4.500 ? 'X-RAY DIFFRACTION' ? 
# 
_refine_ls_shell.d_res_high                       1.650 
_refine_ls_shell.d_res_low                        1.692 
_refine_ls_shell.pdbx_total_number_of_bins_used   20 
_refine_ls_shell.percent_reflns_obs               100.000 
_refine_ls_shell.number_reflns_R_work             245 
_refine_ls_shell.R_factor_R_work                  0.275 
_refine_ls_shell.R_factor_R_free                  0.262 
_refine_ls_shell.percent_reflns_R_free            ? 
_refine_ls_shell.number_reflns_R_free             24 
_refine_ls_shell.R_factor_R_free_error            ? 
_refine_ls_shell.redundancy_reflns_obs            ? 
_refine_ls_shell.pdbx_refine_id                   'X-RAY DIFFRACTION' 
_refine_ls_shell.number_reflns_all                ? 
_refine_ls_shell.R_factor_all                     ? 
# 
_struct.entry_id                  1ZF4 
_struct.title                     'ATC Four-stranded DNA Holliday Junction' 
_struct.pdbx_model_details        ? 
_struct.pdbx_CASP_flag            ? 
_struct.pdbx_model_type_details   ? 
# 
_struct_keywords.text            'Crystallographic Screen, DNA Structure, Holliday Junction, Molecular Structure, DNA' 
_struct_keywords.entry_id        1ZF4 
_struct_keywords.pdbx_keywords   DNA 
# 
loop_
_struct_asym.id 
_struct_asym.pdbx_blank_PDB_chainid_flag 
_struct_asym.pdbx_modified 
_struct_asym.entity_id 
_struct_asym.details 
A N N 1 ? 
B N N 1 ? 
C N N 2 ? 
D N N 3 ? 
E N N 3 ? 
# 
_struct_ref.id                         1 
_struct_ref.entity_id                  1 
_struct_ref.db_name                    PDB 
_struct_ref.db_code                    1ZF4 
_struct_ref.pdbx_db_accession          1ZF4 
_struct_ref.pdbx_db_isoform            ? 
_struct_ref.pdbx_seq_one_letter_code   ? 
_struct_ref.pdbx_align_begin           ? 
# 
loop_
_struct_ref_seq.align_id 
_struct_ref_seq.ref_id 
_struct_ref_seq.pdbx_PDB_id_code 
_struct_ref_seq.pdbx_strand_id 
_struct_ref_seq.seq_align_beg 
_struct_ref_seq.pdbx_seq_align_beg_ins_code 
_struct_ref_seq.seq_align_end 
_struct_ref_seq.pdbx_seq_align_end_ins_code 
_struct_ref_seq.pdbx_db_accession 
_struct_ref_seq.db_align_beg 
_struct_ref_seq.pdbx_db_align_beg_ins_code 
_struct_ref_seq.db_align_end 
_struct_ref_seq.pdbx_db_align_end_ins_code 
_struct_ref_seq.pdbx_auth_seq_align_beg 
_struct_ref_seq.pdbx_auth_seq_align_end 
1 1 1ZF4 A 1 ? 10 ? 1ZF4 1  ? 10 ? 1  10 
2 1 1ZF4 B 1 ? 10 ? 1ZF4 11 ? 20 ? 11 20 
# 
_pdbx_struct_assembly.id                   1 
_pdbx_struct_assembly.details              author_defined_assembly 
_pdbx_struct_assembly.method_details       ? 
_pdbx_struct_assembly.oligomeric_details   tetrameric 
_pdbx_struct_assembly.oligomeric_count     4 
# 
_pdbx_struct_assembly_gen.assembly_id       1 
_pdbx_struct_assembly_gen.oper_expression   1,2 
_pdbx_struct_assembly_gen.asym_id_list      A,B,C,D,E 
# 
loop_
_pdbx_struct_oper_list.id 
_pdbx_struct_oper_list.type 
_pdbx_struct_oper_list.name 
_pdbx_struct_oper_list.symmetry_operation 
_pdbx_struct_oper_list.matrix[1][1] 
_pdbx_struct_oper_list.matrix[1][2] 
_pdbx_struct_oper_list.matrix[1][3] 
_pdbx_struct_oper_list.vector[1] 
_pdbx_struct_oper_list.matrix[2][1] 
_pdbx_struct_oper_list.matrix[2][2] 
_pdbx_struct_oper_list.matrix[2][3] 
_pdbx_struct_oper_list.vector[2] 
_pdbx_struct_oper_list.matrix[3][1] 
_pdbx_struct_oper_list.matrix[3][2] 
_pdbx_struct_oper_list.matrix[3][3] 
_pdbx_struct_oper_list.vector[3] 
1 'identity operation'         1_555 x,y,z     1.0000000000  0.0000000000  0.0000000000  0.0000000000  0.0000000000  1.0000000000  0.0000000000 0.0000000000  0.0000000000  0.0000000000 1.0000000000  0.0000000000 
2 'crystal symmetry operation' 2_755 -x+2,y,-z -0.9170188626 -0.2853996926 -0.2786098010 12.8066924581 -0.2853996926 -0.0184156661 0.9582316415 -2.9293263393 -0.2786098010 0.9582316415 -0.0645654714 6.8150608387 
# 
_struct_biol.id                    1 
_struct_biol.pdbx_parent_biol_id   ? 
_struct_biol.details               ? 
# 
loop_
_struct_conn.id 
_struct_conn.conn_type_id 
_struct_conn.pdbx_leaving_atom_flag 
_struct_conn.pdbx_PDB_id 
_struct_conn.ptnr1_label_asym_id 
_struct_conn.ptnr1_label_comp_id 
_struct_conn.ptnr1_label_seq_id 
_struct_conn.ptnr1_label_atom_id 
_struct_conn.pdbx_ptnr1_label_alt_id 
_struct_conn.pdbx_ptnr1_PDB_ins_code 
_struct_conn.pdbx_ptnr1_standard_comp_id 
_struct_conn.ptnr1_symmetry 
_struct_conn.ptnr2_label_asym_id 
_struct_conn.ptnr2_label_comp_id 
_struct_conn.ptnr2_label_seq_id 
_struct_conn.ptnr2_label_atom_id 
_struct_conn.pdbx_ptnr2_label_alt_id 
_struct_conn.pdbx_ptnr2_PDB_ins_code 
_struct_conn.ptnr1_auth_asym_id 
_struct_conn.ptnr1_auth_comp_id 
_struct_conn.ptnr1_auth_seq_id 
_struct_conn.ptnr2_auth_asym_id 
_struct_conn.ptnr2_auth_comp_id 
_struct_conn.ptnr2_auth_seq_id 
_struct_conn.ptnr2_symmetry 
_struct_conn.pdbx_ptnr3_label_atom_id 
_struct_conn.pdbx_ptnr3_label_seq_id 
_struct_conn.pdbx_ptnr3_label_comp_id 
_struct_conn.pdbx_ptnr3_label_asym_id 
_struct_conn.pdbx_ptnr3_label_alt_id 
_struct_conn.pdbx_ptnr3_PDB_ins_code 
_struct_conn.details 
_struct_conn.pdbx_dist_value 
_struct_conn.pdbx_value_order 
_struct_conn.pdbx_role 
metalc1  metalc ? ? A DA 6 OP2 ? ? ? 1_555 C NA .  NA ? ? A DA 6 A NA 68 1_555 ? ? ? ? ? ? ?            2.718 ? ? 
hydrog1  hydrog ? ? A DC 1 N3  ? ? ? 1_555 B DG 10 N1 ? ? A DC 1 B DG 20 1_555 ? ? ? ? ? ? WATSON-CRICK ?     ? ? 
hydrog2  hydrog ? ? A DC 1 N4  ? ? ? 1_555 B DG 10 O6 ? ? A DC 1 B DG 20 1_555 ? ? ? ? ? ? WATSON-CRICK ?     ? ? 
hydrog3  hydrog ? ? A DC 1 O2  ? ? ? 1_555 B DG 10 N2 ? ? A DC 1 B DG 20 1_555 ? ? ? ? ? ? WATSON-CRICK ?     ? ? 
hydrog4  hydrog ? ? A DC 2 N3  ? ? ? 1_555 B DG 9  N1 ? ? A DC 2 B DG 19 1_555 ? ? ? ? ? ? WATSON-CRICK ?     ? ? 
hydrog5  hydrog ? ? A DC 2 N4  ? ? ? 1_555 B DG 9  O6 ? ? A DC 2 B DG 19 1_555 ? ? ? ? ? ? WATSON-CRICK ?     ? ? 
hydrog6  hydrog ? ? A DC 2 O2  ? ? ? 1_555 B DG 9  N2 ? ? A DC 2 B DG 19 1_555 ? ? ? ? ? ? WATSON-CRICK ?     ? ? 
hydrog7  hydrog ? ? A DG 3 N1  ? ? ? 1_555 B DC 8  N3 ? ? A DG 3 B DC 18 1_555 ? ? ? ? ? ? WATSON-CRICK ?     ? ? 
hydrog8  hydrog ? ? A DG 3 N2  ? ? ? 1_555 B DC 8  O2 ? ? A DG 3 B DC 18 1_555 ? ? ? ? ? ? WATSON-CRICK ?     ? ? 
hydrog9  hydrog ? ? A DG 3 O6  ? ? ? 1_555 B DC 8  N4 ? ? A DG 3 B DC 18 1_555 ? ? ? ? ? ? WATSON-CRICK ?     ? ? 
hydrog10 hydrog ? ? A DA 4 N1  ? ? ? 1_555 B DT 7  N3 ? ? A DA 4 B DT 17 1_555 ? ? ? ? ? ? WATSON-CRICK ?     ? ? 
hydrog11 hydrog ? ? A DA 4 N6  ? ? ? 1_555 B DT 7  O4 ? ? A DA 4 B DT 17 1_555 ? ? ? ? ? ? WATSON-CRICK ?     ? ? 
hydrog12 hydrog ? ? A DT 5 N3  ? ? ? 1_555 B DA 6  N1 ? ? A DT 5 B DA 16 1_555 ? ? ? ? ? ? WATSON-CRICK ?     ? ? 
hydrog13 hydrog ? ? A DT 5 O4  ? ? ? 1_555 B DA 6  N6 ? ? A DT 5 B DA 16 1_555 ? ? ? ? ? ? WATSON-CRICK ?     ? ? 
hydrog14 hydrog ? ? A DA 6 N1  ? ? ? 1_555 B DT 5  N3 ? ? A DA 6 B DT 15 1_555 ? ? ? ? ? ? WATSON-CRICK ?     ? ? 
hydrog15 hydrog ? ? A DA 6 N6  ? ? ? 1_555 B DT 5  O4 ? ? A DA 6 B DT 15 1_555 ? ? ? ? ? ? WATSON-CRICK ?     ? ? 
# 
loop_
_struct_conn_type.id 
_struct_conn_type.criteria 
_struct_conn_type.reference 
metalc ? ? 
hydrog ? ? 
# 
_struct_site.id                   AC1 
_struct_site.pdbx_evidence_code   Software 
_struct_site.pdbx_auth_asym_id    A 
_struct_site.pdbx_auth_comp_id    NA 
_struct_site.pdbx_auth_seq_id     68 
_struct_site.pdbx_auth_ins_code   ? 
_struct_site.pdbx_num_residues    2 
_struct_site.details              'BINDING SITE FOR RESIDUE NA A 68' 
# 
loop_
_struct_site_gen.id 
_struct_site_gen.site_id 
_struct_site_gen.pdbx_num_res 
_struct_site_gen.label_comp_id 
_struct_site_gen.label_asym_id 
_struct_site_gen.label_seq_id 
_struct_site_gen.pdbx_auth_ins_code 
_struct_site_gen.auth_comp_id 
_struct_site_gen.auth_asym_id 
_struct_site_gen.auth_seq_id 
_struct_site_gen.label_atom_id 
_struct_site_gen.label_alt_id 
_struct_site_gen.symmetry 
_struct_site_gen.details 
1 AC1 2 DA A 6 ? DA A 6 . ? 1_555 ? 
2 AC1 2 DA A 6 ? DA A 6 . ? 2_755 ? 
# 
loop_
_pdbx_validate_close_contact.id 
_pdbx_validate_close_contact.PDB_model_num 
_pdbx_validate_close_contact.auth_atom_id_1 
_pdbx_validate_close_contact.auth_asym_id_1 
_pdbx_validate_close_contact.auth_comp_id_1 
_pdbx_validate_close_contact.auth_seq_id_1 
_pdbx_validate_close_contact.PDB_ins_code_1 
_pdbx_validate_close_contact.label_alt_id_1 
_pdbx_validate_close_contact.auth_atom_id_2 
_pdbx_validate_close_contact.auth_asym_id_2 
_pdbx_validate_close_contact.auth_comp_id_2 
_pdbx_validate_close_contact.auth_seq_id_2 
_pdbx_validate_close_contact.PDB_ins_code_2 
_pdbx_validate_close_contact.label_alt_id_2 
_pdbx_validate_close_contact.dist 
1 1 N3  B DA  14 ? ? O B HOH 92  ? ? 2.10 
2 1 O   A HOH 61 ? ? O A HOH 100 ? ? 2.18 
3 1 OP1 A DT  5  ? ? O A HOH 121 ? ? 2.18 
4 1 OP2 A DG  3  ? ? O A HOH 89  ? ? 2.19 
# 
_pdbx_validate_symm_contact.id                1 
_pdbx_validate_symm_contact.PDB_model_num     1 
_pdbx_validate_symm_contact.auth_atom_id_1    O 
_pdbx_validate_symm_contact.auth_asym_id_1    A 
_pdbx_validate_symm_contact.auth_comp_id_1    HOH 
_pdbx_validate_symm_contact.auth_seq_id_1     64 
_pdbx_validate_symm_contact.PDB_ins_code_1    ? 
_pdbx_validate_symm_contact.label_alt_id_1    ? 
_pdbx_validate_symm_contact.site_symmetry_1   1_555 
_pdbx_validate_symm_contact.auth_atom_id_2    O 
_pdbx_validate_symm_contact.auth_asym_id_2    A 
_pdbx_validate_symm_contact.auth_comp_id_2    HOH 
_pdbx_validate_symm_contact.auth_seq_id_2     64 
_pdbx_validate_symm_contact.PDB_ins_code_2    ? 
_pdbx_validate_symm_contact.label_alt_id_2    ? 
_pdbx_validate_symm_contact.site_symmetry_2   2_755 
_pdbx_validate_symm_contact.dist              1.70 
# 
loop_
_pdbx_validate_rmsd_angle.id 
_pdbx_validate_rmsd_angle.PDB_model_num 
_pdbx_validate_rmsd_angle.auth_atom_id_1 
_pdbx_validate_rmsd_angle.auth_asym_id_1 
_pdbx_validate_rmsd_angle.auth_comp_id_1 
_pdbx_validate_rmsd_angle.auth_seq_id_1 
_pdbx_validate_rmsd_angle.PDB_ins_code_1 
_pdbx_validate_rmsd_angle.label_alt_id_1 
_pdbx_validate_rmsd_angle.auth_atom_id_2 
_pdbx_validate_rmsd_angle.auth_asym_id_2 
_pdbx_validate_rmsd_angle.auth_comp_id_2 
_pdbx_validate_rmsd_angle.auth_seq_id_2 
_pdbx_validate_rmsd_angle.PDB_ins_code_2 
_pdbx_validate_rmsd_angle.label_alt_id_2 
_pdbx_validate_rmsd_angle.auth_atom_id_3 
_pdbx_validate_rmsd_angle.auth_asym_id_3 
_pdbx_validate_rmsd_angle.auth_comp_id_3 
_pdbx_validate_rmsd_angle.auth_seq_id_3 
_pdbx_validate_rmsd_angle.PDB_ins_code_3 
_pdbx_validate_rmsd_angle.label_alt_id_3 
_pdbx_validate_rmsd_angle.angle_value 
_pdbx_validate_rmsd_angle.angle_target_value 
_pdbx_validate_rmsd_angle.angle_deviation 
_pdbx_validate_rmsd_angle.angle_standard_deviation 
_pdbx_validate_rmsd_angle.linker_flag 
1 1 "O4'" A DA 4  ? ? "C1'" A DA 4  ? ? N9    A DA 4  ? ? 102.41 108.00 -5.59 0.70 N 
2 1 "C3'" A DT 5  ? ? "C2'" A DT 5  ? ? "C1'" A DT 5  ? ? 97.17  102.40 -5.23 0.80 N 
3 1 C5    A DG 9  ? ? C6    A DG 9  ? ? O6    A DG 9  ? ? 124.32 128.60 -4.28 0.60 N 
4 1 "O4'" B DC 12 ? ? "C1'" B DC 12 ? ? "C2'" B DC 12 ? ? 99.66  105.90 -6.24 0.80 N 
5 1 "O4'" B DC 12 ? ? "C1'" B DC 12 ? ? N1    B DC 12 ? ? 101.74 108.00 -6.26 0.70 N 
6 1 "C3'" B DT 15 ? ? "C2'" B DT 15 ? ? "C1'" B DT 15 ? ? 96.54  102.40 -5.86 0.80 N 
7 1 C4    B DT 15 ? ? C5    B DT 15 ? ? C7    B DT 15 ? ? 123.56 119.00 4.56  0.60 N 
8 1 C6    B DT 15 ? ? C5    B DT 15 ? ? C7    B DT 15 ? ? 118.17 122.90 -4.73 0.60 N 
9 1 "C3'" B DT 17 ? ? "O3'" B DT 17 ? ? P     B DC 18 ? ? 127.17 119.70 7.47  1.20 Y 
# 
loop_
_pdbx_struct_special_symmetry.id 
_pdbx_struct_special_symmetry.PDB_model_num 
_pdbx_struct_special_symmetry.auth_asym_id 
_pdbx_struct_special_symmetry.auth_comp_id 
_pdbx_struct_special_symmetry.auth_seq_id 
_pdbx_struct_special_symmetry.PDB_ins_code 
_pdbx_struct_special_symmetry.label_asym_id 
_pdbx_struct_special_symmetry.label_comp_id 
_pdbx_struct_special_symmetry.label_seq_id 
1 1 A NA  68  ? C NA  . 
2 1 A HOH 127 ? D HOH . 
3 1 B HOH 88  ? E HOH . 
4 1 B HOH 116 ? E HOH . 
# 
loop_
_pdbx_refine_tls.id 
_pdbx_refine_tls.details 
_pdbx_refine_tls.method 
_pdbx_refine_tls.origin_x 
_pdbx_refine_tls.origin_y 
_pdbx_refine_tls.origin_z 
_pdbx_refine_tls.T[1][1] 
_pdbx_refine_tls.T[2][2] 
_pdbx_refine_tls.T[3][3] 
_pdbx_refine_tls.T[1][2] 
_pdbx_refine_tls.T[1][3] 
_pdbx_refine_tls.T[2][3] 
_pdbx_refine_tls.L[1][1] 
_pdbx_refine_tls.L[2][2] 
_pdbx_refine_tls.L[3][3] 
_pdbx_refine_tls.L[1][2] 
_pdbx_refine_tls.L[1][3] 
_pdbx_refine_tls.L[2][3] 
_pdbx_refine_tls.S[1][1] 
_pdbx_refine_tls.S[2][2] 
_pdbx_refine_tls.S[3][3] 
_pdbx_refine_tls.S[1][2] 
_pdbx_refine_tls.S[1][3] 
_pdbx_refine_tls.S[2][3] 
_pdbx_refine_tls.S[2][1] 
_pdbx_refine_tls.S[3][1] 
_pdbx_refine_tls.S[3][2] 
_pdbx_refine_tls.pdbx_refine_id 
1 ? refined 2.8149  2.6369  -2.0666 -0.0271 -0.0253 -0.0235 0.0155  0.0118  -0.0189 3.6019 0.5393 1.3050 1.0007  1.2651  -0.1228 0.1112 -0.0775 -0.0337 0.0582  0.0841 -0.0291 0.0157  0.1377  -0.0047 'X-RAY DIFFRACTION' 
2 ? refined -2.5607 -2.3273 1.8407  -0.0042 -0.0153 -0.0362 -0.0275 -0.0144 -0.0026 1.9439 0.3984 1.7560 -0.0083 -0.2953 -0.8244 0.0095 0.0885  -0.0981 -0.0310 0.0004 0.1332  -0.0315 -0.0308 0.0398  'X-RAY DIFFRACTION' 
# 
loop_
_pdbx_refine_tls_group.id 
_pdbx_refine_tls_group.refine_tls_id 
_pdbx_refine_tls_group.beg_label_asym_id 
_pdbx_refine_tls_group.beg_label_seq_id 
_pdbx_refine_tls_group.end_label_asym_id 
_pdbx_refine_tls_group.end_label_seq_id 
_pdbx_refine_tls_group.selection 
_pdbx_refine_tls_group.beg_auth_asym_id 
_pdbx_refine_tls_group.beg_auth_seq_id 
_pdbx_refine_tls_group.end_auth_asym_id 
_pdbx_refine_tls_group.end_auth_seq_id 
_pdbx_refine_tls_group.pdbx_refine_id 
_pdbx_refine_tls_group.selection_details 
1 1 A 1 A 10 ALL A 1  A 10 'X-RAY DIFFRACTION' ? 
2 2 B 1 B 10 ALL B 11 B 20 'X-RAY DIFFRACTION' ? 
# 
loop_
_chem_comp_atom.comp_id 
_chem_comp_atom.atom_id 
_chem_comp_atom.type_symbol 
_chem_comp_atom.pdbx_aromatic_flag 
_chem_comp_atom.pdbx_stereo_config 
_chem_comp_atom.pdbx_ordinal 
DA  OP3    O  N N 1   
DA  P      P  N N 2   
DA  OP1    O  N N 3   
DA  OP2    O  N N 4   
DA  "O5'"  O  N N 5   
DA  "C5'"  C  N N 6   
DA  "C4'"  C  N R 7   
DA  "O4'"  O  N N 8   
DA  "C3'"  C  N S 9   
DA  "O3'"  O  N N 10  
DA  "C2'"  C  N N 11  
DA  "C1'"  C  N R 12  
DA  N9     N  Y N 13  
DA  C8     C  Y N 14  
DA  N7     N  Y N 15  
DA  C5     C  Y N 16  
DA  C6     C  Y N 17  
DA  N6     N  N N 18  
DA  N1     N  Y N 19  
DA  C2     C  Y N 20  
DA  N3     N  Y N 21  
DA  C4     C  Y N 22  
DA  HOP3   H  N N 23  
DA  HOP2   H  N N 24  
DA  "H5'"  H  N N 25  
DA  "H5''" H  N N 26  
DA  "H4'"  H  N N 27  
DA  "H3'"  H  N N 28  
DA  "HO3'" H  N N 29  
DA  "H2'"  H  N N 30  
DA  "H2''" H  N N 31  
DA  "H1'"  H  N N 32  
DA  H8     H  N N 33  
DA  H61    H  N N 34  
DA  H62    H  N N 35  
DA  H2     H  N N 36  
DC  OP3    O  N N 37  
DC  P      P  N N 38  
DC  OP1    O  N N 39  
DC  OP2    O  N N 40  
DC  "O5'"  O  N N 41  
DC  "C5'"  C  N N 42  
DC  "C4'"  C  N R 43  
DC  "O4'"  O  N N 44  
DC  "C3'"  C  N S 45  
DC  "O3'"  O  N N 46  
DC  "C2'"  C  N N 47  
DC  "C1'"  C  N R 48  
DC  N1     N  N N 49  
DC  C2     C  N N 50  
DC  O2     O  N N 51  
DC  N3     N  N N 52  
DC  C4     C  N N 53  
DC  N4     N  N N 54  
DC  C5     C  N N 55  
DC  C6     C  N N 56  
DC  HOP3   H  N N 57  
DC  HOP2   H  N N 58  
DC  "H5'"  H  N N 59  
DC  "H5''" H  N N 60  
DC  "H4'"  H  N N 61  
DC  "H3'"  H  N N 62  
DC  "HO3'" H  N N 63  
DC  "H2'"  H  N N 64  
DC  "H2''" H  N N 65  
DC  "H1'"  H  N N 66  
DC  H41    H  N N 67  
DC  H42    H  N N 68  
DC  H5     H  N N 69  
DC  H6     H  N N 70  
DG  OP3    O  N N 71  
DG  P      P  N N 72  
DG  OP1    O  N N 73  
DG  OP2    O  N N 74  
DG  "O5'"  O  N N 75  
DG  "C5'"  C  N N 76  
DG  "C4'"  C  N R 77  
DG  "O4'"  O  N N 78  
DG  "C3'"  C  N S 79  
DG  "O3'"  O  N N 80  
DG  "C2'"  C  N N 81  
DG  "C1'"  C  N R 82  
DG  N9     N  Y N 83  
DG  C8     C  Y N 84  
DG  N7     N  Y N 85  
DG  C5     C  Y N 86  
DG  C6     C  N N 87  
DG  O6     O  N N 88  
DG  N1     N  N N 89  
DG  C2     C  N N 90  
DG  N2     N  N N 91  
DG  N3     N  N N 92  
DG  C4     C  Y N 93  
DG  HOP3   H  N N 94  
DG  HOP2   H  N N 95  
DG  "H5'"  H  N N 96  
DG  "H5''" H  N N 97  
DG  "H4'"  H  N N 98  
DG  "H3'"  H  N N 99  
DG  "HO3'" H  N N 100 
DG  "H2'"  H  N N 101 
DG  "H2''" H  N N 102 
DG  "H1'"  H  N N 103 
DG  H8     H  N N 104 
DG  H1     H  N N 105 
DG  H21    H  N N 106 
DG  H22    H  N N 107 
DT  OP3    O  N N 108 
DT  P      P  N N 109 
DT  OP1    O  N N 110 
DT  OP2    O  N N 111 
DT  "O5'"  O  N N 112 
DT  "C5'"  C  N N 113 
DT  "C4'"  C  N R 114 
DT  "O4'"  O  N N 115 
DT  "C3'"  C  N S 116 
DT  "O3'"  O  N N 117 
DT  "C2'"  C  N N 118 
DT  "C1'"  C  N R 119 
DT  N1     N  N N 120 
DT  C2     C  N N 121 
DT  O2     O  N N 122 
DT  N3     N  N N 123 
DT  C4     C  N N 124 
DT  O4     O  N N 125 
DT  C5     C  N N 126 
DT  C7     C  N N 127 
DT  C6     C  N N 128 
DT  HOP3   H  N N 129 
DT  HOP2   H  N N 130 
DT  "H5'"  H  N N 131 
DT  "H5''" H  N N 132 
DT  "H4'"  H  N N 133 
DT  "H3'"  H  N N 134 
DT  "HO3'" H  N N 135 
DT  "H2'"  H  N N 136 
DT  "H2''" H  N N 137 
DT  "H1'"  H  N N 138 
DT  H3     H  N N 139 
DT  H71    H  N N 140 
DT  H72    H  N N 141 
DT  H73    H  N N 142 
DT  H6     H  N N 143 
HOH O      O  N N 144 
HOH H1     H  N N 145 
HOH H2     H  N N 146 
NA  NA     NA N N 147 
# 
loop_
_chem_comp_bond.comp_id 
_chem_comp_bond.atom_id_1 
_chem_comp_bond.atom_id_2 
_chem_comp_bond.value_order 
_chem_comp_bond.pdbx_aromatic_flag 
_chem_comp_bond.pdbx_stereo_config 
_chem_comp_bond.pdbx_ordinal 
DA  OP3   P      sing N N 1   
DA  OP3   HOP3   sing N N 2   
DA  P     OP1    doub N N 3   
DA  P     OP2    sing N N 4   
DA  P     "O5'"  sing N N 5   
DA  OP2   HOP2   sing N N 6   
DA  "O5'" "C5'"  sing N N 7   
DA  "C5'" "C4'"  sing N N 8   
DA  "C5'" "H5'"  sing N N 9   
DA  "C5'" "H5''" sing N N 10  
DA  "C4'" "O4'"  sing N N 11  
DA  "C4'" "C3'"  sing N N 12  
DA  "C4'" "H4'"  sing N N 13  
DA  "O4'" "C1'"  sing N N 14  
DA  "C3'" "O3'"  sing N N 15  
DA  "C3'" "C2'"  sing N N 16  
DA  "C3'" "H3'"  sing N N 17  
DA  "O3'" "HO3'" sing N N 18  
DA  "C2'" "C1'"  sing N N 19  
DA  "C2'" "H2'"  sing N N 20  
DA  "C2'" "H2''" sing N N 21  
DA  "C1'" N9     sing N N 22  
DA  "C1'" "H1'"  sing N N 23  
DA  N9    C8     sing Y N 24  
DA  N9    C4     sing Y N 25  
DA  C8    N7     doub Y N 26  
DA  C8    H8     sing N N 27  
DA  N7    C5     sing Y N 28  
DA  C5    C6     sing Y N 29  
DA  C5    C4     doub Y N 30  
DA  C6    N6     sing N N 31  
DA  C6    N1     doub Y N 32  
DA  N6    H61    sing N N 33  
DA  N6    H62    sing N N 34  
DA  N1    C2     sing Y N 35  
DA  C2    N3     doub Y N 36  
DA  C2    H2     sing N N 37  
DA  N3    C4     sing Y N 38  
DC  OP3   P      sing N N 39  
DC  OP3   HOP3   sing N N 40  
DC  P     OP1    doub N N 41  
DC  P     OP2    sing N N 42  
DC  P     "O5'"  sing N N 43  
DC  OP2   HOP2   sing N N 44  
DC  "O5'" "C5'"  sing N N 45  
DC  "C5'" "C4'"  sing N N 46  
DC  "C5'" "H5'"  sing N N 47  
DC  "C5'" "H5''" sing N N 48  
DC  "C4'" "O4'"  sing N N 49  
DC  "C4'" "C3'"  sing N N 50  
DC  "C4'" "H4'"  sing N N 51  
DC  "O4'" "C1'"  sing N N 52  
DC  "C3'" "O3'"  sing N N 53  
DC  "C3'" "C2'"  sing N N 54  
DC  "C3'" "H3'"  sing N N 55  
DC  "O3'" "HO3'" sing N N 56  
DC  "C2'" "C1'"  sing N N 57  
DC  "C2'" "H2'"  sing N N 58  
DC  "C2'" "H2''" sing N N 59  
DC  "C1'" N1     sing N N 60  
DC  "C1'" "H1'"  sing N N 61  
DC  N1    C2     sing N N 62  
DC  N1    C6     sing N N 63  
DC  C2    O2     doub N N 64  
DC  C2    N3     sing N N 65  
DC  N3    C4     doub N N 66  
DC  C4    N4     sing N N 67  
DC  C4    C5     sing N N 68  
DC  N4    H41    sing N N 69  
DC  N4    H42    sing N N 70  
DC  C5    C6     doub N N 71  
DC  C5    H5     sing N N 72  
DC  C6    H6     sing N N 73  
DG  OP3   P      sing N N 74  
DG  OP3   HOP3   sing N N 75  
DG  P     OP1    doub N N 76  
DG  P     OP2    sing N N 77  
DG  P     "O5'"  sing N N 78  
DG  OP2   HOP2   sing N N 79  
DG  "O5'" "C5'"  sing N N 80  
DG  "C5'" "C4'"  sing N N 81  
DG  "C5'" "H5'"  sing N N 82  
DG  "C5'" "H5''" sing N N 83  
DG  "C4'" "O4'"  sing N N 84  
DG  "C4'" "C3'"  sing N N 85  
DG  "C4'" "H4'"  sing N N 86  
DG  "O4'" "C1'"  sing N N 87  
DG  "C3'" "O3'"  sing N N 88  
DG  "C3'" "C2'"  sing N N 89  
DG  "C3'" "H3'"  sing N N 90  
DG  "O3'" "HO3'" sing N N 91  
DG  "C2'" "C1'"  sing N N 92  
DG  "C2'" "H2'"  sing N N 93  
DG  "C2'" "H2''" sing N N 94  
DG  "C1'" N9     sing N N 95  
DG  "C1'" "H1'"  sing N N 96  
DG  N9    C8     sing Y N 97  
DG  N9    C4     sing Y N 98  
DG  C8    N7     doub Y N 99  
DG  C8    H8     sing N N 100 
DG  N7    C5     sing Y N 101 
DG  C5    C6     sing N N 102 
DG  C5    C4     doub Y N 103 
DG  C6    O6     doub N N 104 
DG  C6    N1     sing N N 105 
DG  N1    C2     sing N N 106 
DG  N1    H1     sing N N 107 
DG  C2    N2     sing N N 108 
DG  C2    N3     doub N N 109 
DG  N2    H21    sing N N 110 
DG  N2    H22    sing N N 111 
DG  N3    C4     sing N N 112 
DT  OP3   P      sing N N 113 
DT  OP3   HOP3   sing N N 114 
DT  P     OP1    doub N N 115 
DT  P     OP2    sing N N 116 
DT  P     "O5'"  sing N N 117 
DT  OP2   HOP2   sing N N 118 
DT  "O5'" "C5'"  sing N N 119 
DT  "C5'" "C4'"  sing N N 120 
DT  "C5'" "H5'"  sing N N 121 
DT  "C5'" "H5''" sing N N 122 
DT  "C4'" "O4'"  sing N N 123 
DT  "C4'" "C3'"  sing N N 124 
DT  "C4'" "H4'"  sing N N 125 
DT  "O4'" "C1'"  sing N N 126 
DT  "C3'" "O3'"  sing N N 127 
DT  "C3'" "C2'"  sing N N 128 
DT  "C3'" "H3'"  sing N N 129 
DT  "O3'" "HO3'" sing N N 130 
DT  "C2'" "C1'"  sing N N 131 
DT  "C2'" "H2'"  sing N N 132 
DT  "C2'" "H2''" sing N N 133 
DT  "C1'" N1     sing N N 134 
DT  "C1'" "H1'"  sing N N 135 
DT  N1    C2     sing N N 136 
DT  N1    C6     sing N N 137 
DT  C2    O2     doub N N 138 
DT  C2    N3     sing N N 139 
DT  N3    C4     sing N N 140 
DT  N3    H3     sing N N 141 
DT  C4    O4     doub N N 142 
DT  C4    C5     sing N N 143 
DT  C5    C7     sing N N 144 
DT  C5    C6     doub N N 145 
DT  C7    H71    sing N N 146 
DT  C7    H72    sing N N 147 
DT  C7    H73    sing N N 148 
DT  C6    H6     sing N N 149 
HOH O     H1     sing N N 150 
HOH O     H2     sing N N 151 
# 
loop_
_ndb_struct_conf_na.entry_id 
_ndb_struct_conf_na.feature 
1ZF4 'double helix'        
1ZF4 'b-form double helix' 
# 
loop_
_ndb_struct_na_base_pair.model_number 
_ndb_struct_na_base_pair.i_label_asym_id 
_ndb_struct_na_base_pair.i_label_comp_id 
_ndb_struct_na_base_pair.i_label_seq_id 
_ndb_struct_na_base_pair.i_symmetry 
_ndb_struct_na_base_pair.j_label_asym_id 
_ndb_struct_na_base_pair.j_label_comp_id 
_ndb_struct_na_base_pair.j_label_seq_id 
_ndb_struct_na_base_pair.j_symmetry 
_ndb_struct_na_base_pair.shear 
_ndb_struct_na_base_pair.stretch 
_ndb_struct_na_base_pair.stagger 
_ndb_struct_na_base_pair.buckle 
_ndb_struct_na_base_pair.propeller 
_ndb_struct_na_base_pair.opening 
_ndb_struct_na_base_pair.pair_number 
_ndb_struct_na_base_pair.pair_name 
_ndb_struct_na_base_pair.i_auth_asym_id 
_ndb_struct_na_base_pair.i_auth_seq_id 
_ndb_struct_na_base_pair.i_PDB_ins_code 
_ndb_struct_na_base_pair.j_auth_asym_id 
_ndb_struct_na_base_pair.j_auth_seq_id 
_ndb_struct_na_base_pair.j_PDB_ins_code 
_ndb_struct_na_base_pair.hbond_type_28 
_ndb_struct_na_base_pair.hbond_type_12 
1 A DC 1 1_555 B DG 10 1_555 0.311  -0.047 0.785  -3.972 -16.296 0.757  1 A_DC1:DG20_B A 1 ? B 20 ? 19 1 
1 A DC 2 1_555 B DG 9  1_555 0.333  -0.360 0.199  4.887  -19.388 0.084  2 A_DC2:DG19_B A 2 ? B 19 ? 19 1 
1 A DG 3 1_555 B DC 8  1_555 -0.009 -0.626 -0.272 -2.772 -7.785  -4.888 3 A_DG3:DC18_B A 3 ? B 18 ? 19 1 
1 A DA 4 1_555 B DT 7  1_555 0.163  -0.008 0.097  1.406  -20.743 3.706  4 A_DA4:DT17_B A 4 ? B 17 ? 20 1 
1 A DT 5 1_555 B DA 6  1_555 0.192  -0.254 0.015  -7.130 -12.183 -4.377 5 A_DT5:DA16_B A 5 ? B 16 ? 20 1 
1 A DA 6 1_555 B DT 5  1_555 0.033  0.052  -0.127 -5.922 -12.446 -4.667 6 A_DA6:DT15_B A 6 ? B 15 ? 20 1 
# 
loop_
_ndb_struct_na_base_pair_step.model_number 
_ndb_struct_na_base_pair_step.i_label_asym_id_1 
_ndb_struct_na_base_pair_step.i_label_comp_id_1 
_ndb_struct_na_base_pair_step.i_label_seq_id_1 
_ndb_struct_na_base_pair_step.i_symmetry_1 
_ndb_struct_na_base_pair_step.j_label_asym_id_1 
_ndb_struct_na_base_pair_step.j_label_comp_id_1 
_ndb_struct_na_base_pair_step.j_label_seq_id_1 
_ndb_struct_na_base_pair_step.j_symmetry_1 
_ndb_struct_na_base_pair_step.i_label_asym_id_2 
_ndb_struct_na_base_pair_step.i_label_comp_id_2 
_ndb_struct_na_base_pair_step.i_label_seq_id_2 
_ndb_struct_na_base_pair_step.i_symmetry_2 
_ndb_struct_na_base_pair_step.j_label_asym_id_2 
_ndb_struct_na_base_pair_step.j_label_comp_id_2 
_ndb_struct_na_base_pair_step.j_label_seq_id_2 
_ndb_struct_na_base_pair_step.j_symmetry_2 
_ndb_struct_na_base_pair_step.shift 
_ndb_struct_na_base_pair_step.slide 
_ndb_struct_na_base_pair_step.rise 
_ndb_struct_na_base_pair_step.tilt 
_ndb_struct_na_base_pair_step.roll 
_ndb_struct_na_base_pair_step.twist 
_ndb_struct_na_base_pair_step.x_displacement 
_ndb_struct_na_base_pair_step.y_displacement 
_ndb_struct_na_base_pair_step.helical_rise 
_ndb_struct_na_base_pair_step.inclination 
_ndb_struct_na_base_pair_step.tip 
_ndb_struct_na_base_pair_step.helical_twist 
_ndb_struct_na_base_pair_step.step_number 
_ndb_struct_na_base_pair_step.step_name 
_ndb_struct_na_base_pair_step.i_auth_asym_id_1 
_ndb_struct_na_base_pair_step.i_auth_seq_id_1 
_ndb_struct_na_base_pair_step.i_PDB_ins_code_1 
_ndb_struct_na_base_pair_step.j_auth_asym_id_1 
_ndb_struct_na_base_pair_step.j_auth_seq_id_1 
_ndb_struct_na_base_pair_step.j_PDB_ins_code_1 
_ndb_struct_na_base_pair_step.i_auth_asym_id_2 
_ndb_struct_na_base_pair_step.i_auth_seq_id_2 
_ndb_struct_na_base_pair_step.i_PDB_ins_code_2 
_ndb_struct_na_base_pair_step.j_auth_asym_id_2 
_ndb_struct_na_base_pair_step.j_auth_seq_id_2 
_ndb_struct_na_base_pair_step.j_PDB_ins_code_2 
1 A DC 1 1_555 B DG 10 1_555 A DC 2 1_555 B DG 9 1_555 0.428  2.128  3.416 13.012 -1.182 42.313 2.946  0.719  3.343 -1.593 -17.531 
44.196 1 AA_DC1DC2:DG19DG20_BB A 1 ? B 20 ? A 2 ? B 19 ? 
1 A DC 2 1_555 B DG 9  1_555 A DG 3 1_555 B DC 8 1_555 -0.090 2.716  3.444 2.092  -1.414 35.323 4.681  0.466  3.326 -2.326 -3.442  
35.411 2 AA_DC2DG3:DC18DG19_BB A 2 ? B 19 ? A 3 ? B 18 ? 
1 A DG 3 1_555 B DC 8  1_555 A DA 4 1_555 B DT 7 1_555 -0.311 1.585  3.138 -5.722 7.218  41.322 1.453  -0.159 3.368 10.078 7.988   
42.292 3 AA_DG3DA4:DT17DC18_BB A 3 ? B 18 ? A 4 ? B 17 ? 
1 A DA 4 1_555 B DT 7  1_555 A DT 5 1_555 B DA 6 1_555 -0.226 -0.528 3.471 -0.028 5.389  28.285 -2.324 0.449  3.316 10.902 0.056   
28.784 4 AA_DA4DT5:DA16DT17_BB A 4 ? B 17 ? A 5 ? B 16 ? 
1 A DT 5 1_555 B DA 6  1_555 A DA 6 1_555 B DT 5 1_555 -0.415 1.735  3.410 -0.818 -4.620 43.217 2.797  0.480  3.224 -6.250 1.107   
43.459 5 AA_DT5DA6:DT15DA16_BB A 5 ? B 16 ? A 6 ? B 15 ? 
# 
_pdbx_initial_refinement_model.accession_code   1ZEZ 
_pdbx_initial_refinement_model.id               1 
_pdbx_initial_refinement_model.entity_id_list   ? 
_pdbx_initial_refinement_model.type             'experimental model' 
_pdbx_initial_refinement_model.source_name      PDB 
_pdbx_initial_refinement_model.details          'ndb entry UD0058' 
# 
_atom_sites.entry_id                    1ZF4 
_atom_sites.fract_transf_matrix[1][1]   -0.00389428 
_atom_sites.fract_transf_matrix[1][2]   -0.01252472 
_atom_sites.fract_transf_matrix[1][3]   0.01167008 
_atom_sites.fract_transf_matrix[2][1]   -0.00847564 
_atom_sites.fract_transf_matrix[2][2]   0.02915053 
_atom_sites.fract_transf_matrix[2][3]   0.02845702 
_atom_sites.fract_transf_matrix[3][1]   -0.02668586 
_atom_sites.fract_transf_matrix[3][2]   -0.00928960 
_atom_sites.fract_transf_matrix[3][3]   0.00156787 
_atom_sites.fract_transf_vector[1]      0.966840 
_atom_sites.fract_transf_vector[2]      -0.018768 
_atom_sites.fract_transf_vector[3]      0.151930 
# 
loop_
_atom_type.symbol 
C  
N  
NA 
O  
P  
# 
loop_
_atom_site.group_PDB 
_atom_site.id 
_atom_site.type_symbol 
_atom_site.label_atom_id 
_atom_site.label_alt_id 
_atom_site.label_comp_id 
_atom_site.label_asym_id 
_atom_site.label_entity_id 
_atom_site.label_seq_id 
_atom_site.pdbx_PDB_ins_code 
_atom_site.Cartn_x 
_atom_site.Cartn_y 
_atom_site.Cartn_z 
_atom_site.occupancy 
_atom_site.B_iso_or_equiv 
_atom_site.pdbx_formal_charge 
_atom_site.auth_seq_id 
_atom_site.auth_comp_id 
_atom_site.auth_asym_id 
_atom_site.auth_atom_id 
_atom_site.pdbx_PDB_model_num 
ATOM   1   O  "O5'" . DC  A 1 1  ? -12.203 3.043   -9.791  1.00 12.29 ? 1   DC  A "O5'" 1 
ATOM   2   C  "C5'" . DC  A 1 1  ? -12.189 1.734   -10.347 1.00 13.72 ? 1   DC  A "C5'" 1 
ATOM   3   C  "C4'" . DC  A 1 1  ? -11.686 1.772   -11.789 1.00 13.72 ? 1   DC  A "C4'" 1 
ATOM   4   O  "O4'" . DC  A 1 1  ? -11.037 3.029   -12.097 1.00 12.68 ? 1   DC  A "O4'" 1 
ATOM   5   C  "C3'" . DC  A 1 1  ? -10.687 0.678   -12.137 1.00 13.18 ? 1   DC  A "C3'" 1 
ATOM   6   O  "O3'" . DC  A 1 1  ? -11.017 0.098   -13.389 1.00 13.56 ? 1   DC  A "O3'" 1 
ATOM   7   C  "C2'" . DC  A 1 1  ? -9.337  1.379   -12.204 1.00 12.64 ? 1   DC  A "C2'" 1 
ATOM   8   C  "C1'" . DC  A 1 1  ? -9.706  2.816   -12.540 1.00 12.62 ? 1   DC  A "C1'" 1 
ATOM   9   N  N1    . DC  A 1 1  ? -8.820  3.896   -11.946 1.00 12.97 ? 1   DC  A N1    1 
ATOM   10  C  C2    . DC  A 1 1  ? -7.404  3.852   -12.066 1.00 12.92 ? 1   DC  A C2    1 
ATOM   11  O  O2    . DC  A 1 1  ? -6.836  2.901   -12.639 1.00 11.90 ? 1   DC  A O2    1 
ATOM   12  N  N3    . DC  A 1 1  ? -6.675  4.873   -11.529 1.00 12.87 ? 1   DC  A N3    1 
ATOM   13  C  C4    . DC  A 1 1  ? -7.280  5.884   -10.904 1.00 11.54 ? 1   DC  A C4    1 
ATOM   14  N  N4    . DC  A 1 1  ? -6.518  6.852   -10.386 1.00 11.77 ? 1   DC  A N4    1 
ATOM   15  C  C5    . DC  A 1 1  ? -8.700  5.951   -10.772 1.00 12.25 ? 1   DC  A C5    1 
ATOM   16  C  C6    . DC  A 1 1  ? -9.413  4.946   -11.300 1.00 12.53 ? 1   DC  A C6    1 
ATOM   17  P  P     . DC  A 1 2  ? -11.276 -1.469  -13.463 1.00 12.48 ? 2   DC  A P     1 
ATOM   18  O  OP1   . DC  A 1 2  ? -10.911 -1.900  -14.823 1.00 13.79 ? 2   DC  A OP1   1 
ATOM   19  O  OP2   . DC  A 1 2  ? -12.634 -1.729  -12.951 1.00 15.79 ? 2   DC  A OP2   1 
ATOM   20  O  "O5'" . DC  A 1 2  ? -10.256 -2.108  -12.420 1.00 15.16 ? 2   DC  A "O5'" 1 
ATOM   21  C  "C5'" . DC  A 1 2  ? -8.919  -2.447  -12.828 1.00 14.09 ? 2   DC  A "C5'" 1 
ATOM   22  C  "C4'" . DC  A 1 2  ? -7.973  -2.659  -11.656 1.00 13.22 ? 2   DC  A "C4'" 1 
ATOM   23  O  "O4'" . DC  A 1 2  ? -7.708  -1.412  -10.978 1.00 13.80 ? 2   DC  A "O4'" 1 
ATOM   24  C  "C3'" . DC  A 1 2  ? -8.495  -3.587  -10.572 1.00 12.62 ? 2   DC  A "C3'" 1 
ATOM   25  O  "O3'" . DC  A 1 2  ? -7.468  -4.506  -10.327 1.00 14.11 ? 2   DC  A "O3'" 1 
ATOM   26  C  "C2'" . DC  A 1 2  ? -8.764  -2.671  -9.380  1.00 13.36 ? 2   DC  A "C2'" 1 
ATOM   27  C  "C1'" . DC  A 1 2  ? -7.650  -1.653  -9.592  1.00 11.63 ? 2   DC  A "C1'" 1 
ATOM   28  N  N1    . DC  A 1 2  ? -7.854  -0.338  -8.926  1.00 11.07 ? 2   DC  A N1    1 
ATOM   29  C  C2    . DC  A 1 2  ? -6.854  0.633   -9.047  1.00 10.37 ? 2   DC  A C2    1 
ATOM   30  O  O2    . DC  A 1 2  ? -5.850  0.380   -9.712  1.00 9.17  ? 2   DC  A O2    1 
ATOM   31  N  N3    . DC  A 1 2  ? -7.043  1.840   -8.454  1.00 10.46 ? 2   DC  A N3    1 
ATOM   32  C  C4    . DC  A 1 2  ? -8.157  2.098   -7.769  1.00 11.16 ? 2   DC  A C4    1 
ATOM   33  N  N4    . DC  A 1 2  ? -8.269  3.305   -7.201  1.00 10.67 ? 2   DC  A N4    1 
ATOM   34  C  C5    . DC  A 1 2  ? -9.185  1.121   -7.634  1.00 10.75 ? 2   DC  A C5    1 
ATOM   35  C  C6    . DC  A 1 2  ? -8.985  -0.068  -8.222  1.00 9.91  ? 2   DC  A C6    1 
ATOM   36  P  P     . DG  A 1 3  ? -7.565  -5.916  -11.054 1.00 14.91 ? 3   DG  A P     1 
ATOM   37  O  OP1   . DG  A 1 3  ? -7.598  -5.689  -12.520 1.00 13.76 ? 3   DG  A OP1   1 
ATOM   38  O  OP2   . DG  A 1 3  ? -8.637  -6.674  -10.388 1.00 15.86 ? 3   DG  A OP2   1 
ATOM   39  O  "O5'" . DG  A 1 3  ? -6.194  -6.649  -10.657 1.00 14.76 ? 3   DG  A "O5'" 1 
ATOM   40  C  "C5'" . DG  A 1 3  ? -4.920  -6.224  -11.155 1.00 13.01 ? 3   DG  A "C5'" 1 
ATOM   41  C  "C4'" . DG  A 1 3  ? -3.989  -5.670  -10.076 1.00 12.99 ? 3   DG  A "C4'" 1 
ATOM   42  O  "O4'" . DG  A 1 3  ? -4.563  -4.510  -9.415  1.00 12.54 ? 3   DG  A "O4'" 1 
ATOM   43  C  "C3'" . DG  A 1 3  ? -3.610  -6.623  -8.952  1.00 12.80 ? 3   DG  A "C3'" 1 
ATOM   44  O  "O3'" . DG  A 1 3  ? -2.244  -6.453  -8.670  1.00 14.54 ? 3   DG  A "O3'" 1 
ATOM   45  C  "C2'" . DG  A 1 3  ? -4.422  -6.124  -7.771  1.00 13.06 ? 3   DG  A "C2'" 1 
ATOM   46  C  "C1'" . DG  A 1 3  ? -4.344  -4.635  -8.030  1.00 12.58 ? 3   DG  A "C1'" 1 
ATOM   47  N  N9    . DG  A 1 3  ? -5.336  -3.838  -7.327  1.00 13.24 ? 3   DG  A N9    1 
ATOM   48  C  C8    . DG  A 1 3  ? -6.593  -4.179  -6.886  1.00 12.40 ? 3   DG  A C8    1 
ATOM   49  N  N7    . DG  A 1 3  ? -7.209  -3.190  -6.289  1.00 13.62 ? 3   DG  A N7    1 
ATOM   50  C  C5    . DG  A 1 3  ? -6.307  -2.127  -6.357  1.00 12.21 ? 3   DG  A C5    1 
ATOM   51  C  C6    . DG  A 1 3  ? -6.385  -0.795  -5.902  1.00 13.55 ? 3   DG  A C6    1 
ATOM   52  O  O6    . DG  A 1 3  ? -7.316  -0.219  -5.311  1.00 15.07 ? 3   DG  A O6    1 
ATOM   53  N  N1    . DG  A 1 3  ? -5.230  -0.074  -6.176  1.00 11.59 ? 3   DG  A N1    1 
ATOM   54  C  C2    . DG  A 1 3  ? -4.134  -0.556  -6.821  1.00 12.91 ? 3   DG  A C2    1 
ATOM   55  N  N2    . DG  A 1 3  ? -3.115  0.294   -6.993  1.00 13.42 ? 3   DG  A N2    1 
ATOM   56  N  N3    . DG  A 1 3  ? -4.032  -1.803  -7.259  1.00 10.51 ? 3   DG  A N3    1 
ATOM   57  C  C4    . DG  A 1 3  ? -5.153  -2.519  -6.992  1.00 13.28 ? 3   DG  A C4    1 
ATOM   58  P  P     . DA  A 1 4  ? -1.191  -7.611  -8.973  1.00 15.44 ? 4   DA  A P     1 
ATOM   59  O  OP1   . DA  A 1 4  ? -0.997  -7.730  -10.430 1.00 13.99 ? 4   DA  A OP1   1 
ATOM   60  O  OP2   . DA  A 1 4  ? -1.503  -8.780  -8.109  1.00 15.02 ? 4   DA  A OP2   1 
ATOM   61  O  "O5'" . DA  A 1 4  ? 0.094   -6.885  -8.394  1.00 11.89 ? 4   DA  A "O5'" 1 
ATOM   62  C  "C5'" . DA  A 1 4  ? 0.735   -5.880  -9.171  1.00 9.70  ? 4   DA  A "C5'" 1 
ATOM   63  C  "C4'" . DA  A 1 4  ? 1.282   -4.823  -8.241  1.00 8.12  ? 4   DA  A "C4'" 1 
ATOM   64  O  "O4'" . DA  A 1 4  ? 0.176   -4.254  -7.512  1.00 7.71  ? 4   DA  A "O4'" 1 
ATOM   65  C  "C3'" . DA  A 1 4  ? 2.247   -5.343  -7.183  1.00 8.48  ? 4   DA  A "C3'" 1 
ATOM   66  O  "O3'" . DA  A 1 4  ? 3.306   -4.401  -6.967  1.00 10.04 ? 4   DA  A "O3'" 1 
ATOM   67  C  "C2'" . DA  A 1 4  ? 1.356   -5.514  -5.954  1.00 7.61  ? 4   DA  A "C2'" 1 
ATOM   68  C  "C1'" . DA  A 1 4  ? 0.426   -4.323  -6.113  1.00 5.46  ? 4   DA  A "C1'" 1 
ATOM   69  N  N9    . DA  A 1 4  ? -0.899  -4.508  -5.569  1.00 5.43  ? 4   DA  A N9    1 
ATOM   70  C  C8    . DA  A 1 4  ? -1.658  -5.653  -5.599  1.00 5.10  ? 4   DA  A C8    1 
ATOM   71  N  N7    . DA  A 1 4  ? -2.855  -5.519  -5.062  1.00 3.75  ? 4   DA  A N7    1 
ATOM   72  C  C5    . DA  A 1 4  ? -2.857  -4.176  -4.679  1.00 4.20  ? 4   DA  A C5    1 
ATOM   73  C  C6    . DA  A 1 4  ? -3.830  -3.388  -4.027  1.00 4.67  ? 4   DA  A C6    1 
ATOM   74  N  N6    . DA  A 1 4  ? -5.020  -3.876  -3.686  1.00 5.41  ? 4   DA  A N6    1 
ATOM   75  N  N1    . DA  A 1 4  ? -3.528  -2.101  -3.769  1.00 2.00  ? 4   DA  A N1    1 
ATOM   76  C  C2    . DA  A 1 4  ? -2.326  -1.644  -4.131  1.00 2.00  ? 4   DA  A C2    1 
ATOM   77  N  N3    . DA  A 1 4  ? -1.313  -2.261  -4.744  1.00 2.94  ? 4   DA  A N3    1 
ATOM   78  C  C4    . DA  A 1 4  ? -1.658  -3.544  -4.983  1.00 3.18  ? 4   DA  A C4    1 
ATOM   79  P  P     . DT  A 1 5  ? 4.522   -4.665  -5.960  1.00 11.21 ? 5   DT  A P     1 
ATOM   80  O  OP1   . DT  A 1 5  ? 5.683   -3.956  -6.527  1.00 10.03 ? 5   DT  A OP1   1 
ATOM   81  O  OP2   . DT  A 1 5  ? 4.608   -6.084  -5.603  1.00 10.54 ? 5   DT  A OP2   1 
ATOM   82  O  "O5'" . DT  A 1 5  ? 4.055   -3.926  -4.630  1.00 7.09  ? 5   DT  A "O5'" 1 
ATOM   83  C  "C5'" . DT  A 1 5  ? 3.649   -2.570  -4.675  1.00 6.22  ? 5   DT  A "C5'" 1 
ATOM   84  C  "C4'" . DT  A 1 5  ? 3.218   -2.188  -3.281  1.00 5.52  ? 5   DT  A "C4'" 1 
ATOM   85  O  "O4'" . DT  A 1 5  ? 1.818   -2.525  -3.150  1.00 6.14  ? 5   DT  A "O4'" 1 
ATOM   86  C  "C3'" . DT  A 1 5  ? 3.947   -2.923  -2.137  1.00 6.56  ? 5   DT  A "C3'" 1 
ATOM   87  O  "O3'" . DT  A 1 5  ? 4.281   -2.028  -1.066  1.00 5.40  ? 5   DT  A "O3'" 1 
ATOM   88  C  "C2'" . DT  A 1 5  ? 2.937   -3.948  -1.651  1.00 5.73  ? 5   DT  A "C2'" 1 
ATOM   89  C  "C1'" . DT  A 1 5  ? 1.680   -3.095  -1.864  1.00 5.16  ? 5   DT  A "C1'" 1 
ATOM   90  N  N1    . DT  A 1 5  ? 0.384   -3.780  -1.763  1.00 7.14  ? 5   DT  A N1    1 
ATOM   91  C  C2    . DT  A 1 5  ? -0.648  -3.089  -1.148  1.00 5.35  ? 5   DT  A C2    1 
ATOM   92  O  O2    . DT  A 1 5  ? -0.540  -1.953  -0.717  1.00 5.16  ? 5   DT  A O2    1 
ATOM   93  N  N3    . DT  A 1 5  ? -1.826  -3.775  -1.072  1.00 4.55  ? 5   DT  A N3    1 
ATOM   94  C  C4    . DT  A 1 5  ? -2.056  -5.051  -1.568  1.00 4.15  ? 5   DT  A C4    1 
ATOM   95  O  O4    . DT  A 1 5  ? -3.148  -5.580  -1.469  1.00 5.35  ? 5   DT  A O4    1 
ATOM   96  C  C5    . DT  A 1 5  ? -0.937  -5.727  -2.198  1.00 5.67  ? 5   DT  A C5    1 
ATOM   97  C  C7    . DT  A 1 5  ? -1.105  -7.117  -2.749  1.00 2.77  ? 5   DT  A C7    1 
ATOM   98  C  C6    . DT  A 1 5  ? 0.219   -5.067  -2.271  1.00 4.95  ? 5   DT  A C6    1 
ATOM   99  P  P     . DA  A 1 6  ? 5.764   -1.478  -0.947  1.00 6.14  ? 6   DA  A P     1 
ATOM   100 O  OP1   . DA  A 1 6  ? 6.048   -0.609  -2.119  1.00 7.12  ? 6   DA  A OP1   1 
ATOM   101 O  OP2   . DA  A 1 6  ? 6.618   -2.600  -0.537  1.00 5.12  ? 6   DA  A OP2   1 
ATOM   102 O  "O5'" . DA  A 1 6  ? 5.633   -0.462  0.264   1.00 5.50  ? 6   DA  A "O5'" 1 
ATOM   103 C  "C5'" . DA  A 1 6  ? 5.022   0.766   0.104   1.00 5.67  ? 6   DA  A "C5'" 1 
ATOM   104 C  "C4'" . DA  A 1 6  ? 4.241   1.113   1.352   1.00 2.38  ? 6   DA  A "C4'" 1 
ATOM   105 O  "O4'" . DA  A 1 6  ? 3.057   0.288   1.407   1.00 2.00  ? 6   DA  A "O4'" 1 
ATOM   106 C  "C3'" . DA  A 1 6  ? 4.956   0.943   2.681   1.00 3.90  ? 6   DA  A "C3'" 1 
ATOM   107 O  "O3'" . DA  A 1 6  ? 4.617   2.019   3.524   1.00 4.25  ? 6   DA  A "O3'" 1 
ATOM   108 C  "C2'" . DA  A 1 6  ? 4.454   -0.392  3.227   1.00 3.35  ? 6   DA  A "C2'" 1 
ATOM   109 C  "C1'" . DA  A 1 6  ? 3.065   -0.430  2.623   1.00 2.00  ? 6   DA  A "C1'" 1 
ATOM   110 N  N9    . DA  A 1 6  ? 2.570   -1.768  2.341   1.00 2.00  ? 6   DA  A N9    1 
ATOM   111 C  C8    . DA  A 1 6  ? 3.241   -2.862  1.907   1.00 2.00  ? 6   DA  A C8    1 
ATOM   112 N  N7    . DA  A 1 6  ? 2.514   -3.935  1.782   1.00 2.00  ? 6   DA  A N7    1 
ATOM   113 C  C5    . DA  A 1 6  ? 1.259   -3.507  2.172   1.00 2.00  ? 6   DA  A C5    1 
ATOM   114 C  C6    . DA  A 1 6  ? 0.004   -4.136  2.277   1.00 2.00  ? 6   DA  A C6    1 
ATOM   115 N  N6    . DA  A 1 6  ? -0.219  -5.418  1.977   1.00 2.95  ? 6   DA  A N6    1 
ATOM   116 N  N1    . DA  A 1 6  ? -1.034  -3.396  2.726   1.00 2.00  ? 6   DA  A N1    1 
ATOM   117 C  C2    . DA  A 1 6  ? -0.840  -2.119  3.051   1.00 2.00  ? 6   DA  A C2    1 
ATOM   118 N  N3    . DA  A 1 6  ? 0.265   -1.417  3.002   1.00 2.00  ? 6   DA  A N3    1 
ATOM   119 C  C4    . DA  A 1 6  ? 1.279   -2.171  2.534   1.00 2.00  ? 6   DA  A C4    1 
ATOM   120 P  P     . DT  A 1 7  ? 5.444   3.358   3.305   1.00 3.81  ? 7   DT  A P     1 
ATOM   121 O  OP1   . DT  A 1 7  ? 4.660   4.529   3.749   1.00 6.66  ? 7   DT  A OP1   1 
ATOM   122 O  OP2   . DT  A 1 7  ? 5.867   3.386   1.906   1.00 5.54  ? 7   DT  A OP2   1 
ATOM   123 O  "O5'" . DT  A 1 7  ? 6.698   3.117   4.274   1.00 2.00  ? 7   DT  A "O5'" 1 
ATOM   124 C  "C5'" . DT  A 1 7  ? 6.623   2.765   5.662   1.00 2.80  ? 7   DT  A "C5'" 1 
ATOM   125 C  "C4'" . DT  A 1 7  ? 8.000   2.947   6.306   1.00 2.76  ? 7   DT  A "C4'" 1 
ATOM   126 O  "O4'" . DT  A 1 7  ? 9.031   2.186   5.608   1.00 2.15  ? 7   DT  A "O4'" 1 
ATOM   127 C  "C3'" . DT  A 1 7  ? 8.516   4.374   6.289   1.00 2.13  ? 7   DT  A "C3'" 1 
ATOM   128 O  "O3'" . DT  A 1 7  ? 9.364   4.595   7.391   1.00 5.77  ? 7   DT  A "O3'" 1 
ATOM   129 C  "C2'" . DT  A 1 7  ? 9.352   4.425   5.023   1.00 2.00  ? 7   DT  A "C2'" 1 
ATOM   130 C  "C1'" . DT  A 1 7  ? 10.032  3.066   5.111   1.00 2.05  ? 7   DT  A "C1'" 1 
ATOM   131 N  N1    . DT  A 1 7  ? 10.456  2.590   3.787   1.00 2.95  ? 7   DT  A N1    1 
ATOM   132 C  C2    . DT  A 1 7  ? 11.743  2.812   3.325   1.00 2.00  ? 7   DT  A C2    1 
ATOM   133 O  O2    . DT  A 1 7  ? 12.585  3.400   3.952   1.00 2.00  ? 7   DT  A O2    1 
ATOM   134 N  N3    . DT  A 1 7  ? 12.000  2.328   2.077   1.00 2.00  ? 7   DT  A N3    1 
ATOM   135 C  C4    . DT  A 1 7  ? 11.132  1.635   1.260   1.00 2.65  ? 7   DT  A C4    1 
ATOM   136 O  O4    . DT  A 1 7  ? 11.484  1.211   0.155   1.00 2.92  ? 7   DT  A O4    1 
ATOM   137 C  C5    . DT  A 1 7  ? 9.807   1.429   1.798   1.00 2.00  ? 7   DT  A C5    1 
ATOM   138 C  C7    . DT  A 1 7  ? 8.719   0.774   0.977   1.00 3.09  ? 7   DT  A C7    1 
ATOM   139 C  C6    . DT  A 1 7  ? 9.531   1.906   3.013   1.00 4.32  ? 7   DT  A C6    1 
ATOM   140 P  P     . DC  A 1 8  ? 9.036   5.700   8.480   1.00 6.33  ? 8   DC  A P     1 
ATOM   141 O  OP1   . DC  A 1 8  ? 9.901   5.363   9.632   1.00 8.15  ? 8   DC  A OP1   1 
ATOM   142 O  OP2   . DC  A 1 8  ? 7.558   5.772   8.601   1.00 7.57  ? 8   DC  A OP2   1 
ATOM   143 O  "O5'" . DC  A 1 8  ? 9.509   7.085   7.835   1.00 5.33  ? 8   DC  A "O5'" 1 
ATOM   144 C  "C5'" . DC  A 1 8  ? 10.906  7.377   7.696   1.00 5.99  ? 8   DC  A "C5'" 1 
ATOM   145 C  "C4'" . DC  A 1 8  ? 11.094  8.554   6.746   1.00 6.07  ? 8   DC  A "C4'" 1 
ATOM   146 O  "O4'" . DC  A 1 8  ? 10.957  8.038   5.407   1.00 4.97  ? 8   DC  A "O4'" 1 
ATOM   147 C  "C3'" . DC  A 1 8  ? 10.092  9.688   6.860   1.00 7.05  ? 8   DC  A "C3'" 1 
ATOM   148 O  "O3'" . DC  A 1 8  ? 10.791  10.903  6.664   1.00 9.65  ? 8   DC  A "O3'" 1 
ATOM   149 C  "C2'" . DC  A 1 8  ? 9.120   9.442   5.712   1.00 8.05  ? 8   DC  A "C2'" 1 
ATOM   150 C  "C1'" . DC  A 1 8  ? 10.034  8.802   4.661   1.00 7.11  ? 8   DC  A "C1'" 1 
ATOM   151 N  N1    . DC  A 1 8  ? 9.430   7.817   3.717   1.00 7.13  ? 8   DC  A N1    1 
ATOM   152 C  C2    . DC  A 1 8  ? 10.291  7.149   2.836   1.00 5.30  ? 8   DC  A C2    1 
ATOM   153 O  O2    . DC  A 1 8  ? 11.493  7.412   2.831   1.00 6.08  ? 8   DC  A O2    1 
ATOM   154 N  N3    . DC  A 1 8  ? 9.784   6.213   2.013   1.00 5.37  ? 8   DC  A N3    1 
ATOM   155 C  C4    . DC  A 1 8  ? 8.486   5.929   1.992   1.00 6.20  ? 8   DC  A C4    1 
ATOM   156 N  N4    . DC  A 1 8  ? 8.077   5.013   1.117   1.00 6.03  ? 8   DC  A N4    1 
ATOM   157 C  C5    . DC  A 1 8  ? 7.576   6.585   2.868   1.00 5.80  ? 8   DC  A C5    1 
ATOM   158 C  C6    . DC  A 1 8  ? 8.103   7.507   3.704   1.00 6.12  ? 8   DC  A C6    1 
ATOM   159 P  P     . DG  A 1 9  ? 11.174  11.806  7.932   1.00 9.16  ? 9   DG  A P     1 
ATOM   160 O  OP1   . DG  A 1 9  ? 11.975  10.966  8.855   1.00 11.15 ? 9   DG  A OP1   1 
ATOM   161 O  OP2   . DG  A 1 9  ? 9.962   12.490  8.431   1.00 13.03 ? 9   DG  A OP2   1 
ATOM   162 O  "O5'" . DG  A 1 9  ? 12.168  12.836  7.244   1.00 9.73  ? 9   DG  A "O5'" 1 
ATOM   163 C  "C5'" . DG  A 1 9  ? 13.513  12.446  7.042   1.00 8.94  ? 9   DG  A "C5'" 1 
ATOM   164 C  "C4'" . DG  A 1 9  ? 14.011  12.932  5.691   1.00 10.51 ? 9   DG  A "C4'" 1 
ATOM   165 O  "O4'" . DG  A 1 9  ? 13.297  12.266  4.620   1.00 10.44 ? 9   DG  A "O4'" 1 
ATOM   166 C  "C3'" . DG  A 1 9  ? 13.830  14.424  5.429   1.00 11.14 ? 9   DG  A "C3'" 1 
ATOM   167 O  "O3'" . DG  A 1 9  ? 14.799  14.836  4.477   1.00 13.06 ? 9   DG  A "O3'" 1 
ATOM   168 C  "C2'" . DG  A 1 9  ? 12.451  14.489  4.804   1.00 12.41 ? 9   DG  A "C2'" 1 
ATOM   169 C  "C1'" . DG  A 1 9  ? 12.524  13.234  3.933   1.00 12.75 ? 9   DG  A "C1'" 1 
ATOM   170 N  N9    . DG  A 1 9  ? 11.251  12.606  3.641   1.00 13.23 ? 9   DG  A N9    1 
ATOM   171 C  C8    . DG  A 1 9  ? 10.066  12.726  4.333   1.00 13.44 ? 9   DG  A C8    1 
ATOM   172 N  N7    . DG  A 1 9  ? 9.105   12.013  3.829   1.00 12.14 ? 9   DG  A N7    1 
ATOM   173 C  C5    . DG  A 1 9  ? 9.700   11.396  2.733   1.00 13.38 ? 9   DG  A C5    1 
ATOM   174 C  C6    . DG  A 1 9  ? 9.147   10.490  1.805   1.00 13.83 ? 9   DG  A C6    1 
ATOM   175 O  O6    . DG  A 1 9  ? 7.978   10.110  1.820   1.00 12.55 ? 9   DG  A O6    1 
ATOM   176 N  N1    . DG  A 1 9  ? 10.072  10.068  0.831   1.00 13.50 ? 9   DG  A N1    1 
ATOM   177 C  C2    . DG  A 1 9  ? 11.397  10.481  0.801   1.00 12.79 ? 9   DG  A C2    1 
ATOM   178 N  N2    . DG  A 1 9  ? 12.185  9.996   -0.171  1.00 12.51 ? 9   DG  A N2    1 
ATOM   179 N  N3    . DG  A 1 9  ? 11.923  11.335  1.677   1.00 11.73 ? 9   DG  A N3    1 
ATOM   180 C  C4    . DG  A 1 9  ? 11.025  11.734  2.612   1.00 12.79 ? 9   DG  A C4    1 
ATOM   181 P  P     . DG  A 1 10 ? 16.061  15.666  4.962   1.00 13.39 ? 10  DG  A P     1 
ATOM   182 O  OP1   . DG  A 1 10 ? 16.880  14.806  5.850   1.00 13.36 ? 10  DG  A OP1   1 
ATOM   183 O  OP2   . DG  A 1 10 ? 15.553  16.958  5.479   1.00 13.37 ? 10  DG  A OP2   1 
ATOM   184 O  "O5'" . DG  A 1 10 ? 16.856  15.935  3.597   1.00 12.71 ? 10  DG  A "O5'" 1 
ATOM   185 C  "C5'" . DG  A 1 10 ? 17.465  14.882  2.880   1.00 13.67 ? 10  DG  A "C5'" 1 
ATOM   186 C  "C4'" . DG  A 1 10 ? 17.144  14.940  1.388   1.00 14.75 ? 10  DG  A "C4'" 1 
ATOM   187 O  "O4'" . DG  A 1 10 ? 15.787  14.482  1.173   1.00 14.59 ? 10  DG  A "O4'" 1 
ATOM   188 C  "C3'" . DG  A 1 10 ? 17.218  16.306  0.715   1.00 14.65 ? 10  DG  A "C3'" 1 
ATOM   189 O  "O3'" . DG  A 1 10 ? 17.586  16.163  -0.669  1.00 13.63 ? 10  DG  A "O3'" 1 
ATOM   190 C  "C2'" . DG  A 1 10 ? 15.779  16.781  0.863   1.00 14.30 ? 10  DG  A "C2'" 1 
ATOM   191 C  "C1'" . DG  A 1 10 ? 15.084  15.477  0.484   1.00 14.80 ? 10  DG  A "C1'" 1 
ATOM   192 N  N9    . DG  A 1 10 ? 13.705  15.395  0.930   1.00 15.58 ? 10  DG  A N9    1 
ATOM   193 C  C8    . DG  A 1 10 ? 13.169  16.046  2.008   1.00 15.27 ? 10  DG  A C8    1 
ATOM   194 N  N7    . DG  A 1 10 ? 11.904  15.790  2.176   1.00 15.89 ? 10  DG  A N7    1 
ATOM   195 C  C5    . DG  A 1 10 ? 11.584  14.910  1.154   1.00 15.50 ? 10  DG  A C5    1 
ATOM   196 C  C6    . DG  A 1 10 ? 10.357  14.302  0.833   1.00 14.51 ? 10  DG  A C6    1 
ATOM   197 O  O6    . DG  A 1 10 ? 9.274   14.406  1.409   1.00 15.15 ? 10  DG  A O6    1 
ATOM   198 N  N1    . DG  A 1 10 ? 10.455  13.487  -0.281  1.00 15.37 ? 10  DG  A N1    1 
ATOM   199 C  C2    . DG  A 1 10 ? 11.593  13.285  -1.009  1.00 15.14 ? 10  DG  A C2    1 
ATOM   200 N  N2    . DG  A 1 10 ? 11.480  12.458  -2.061  1.00 14.90 ? 10  DG  A N2    1 
ATOM   201 N  N3    . DG  A 1 10 ? 12.750  13.854  -0.722  1.00 15.11 ? 10  DG  A N3    1 
ATOM   202 C  C4    . DG  A 1 10 ? 12.682  14.646  0.375   1.00 15.08 ? 10  DG  A C4    1 
ATOM   203 O  "O5'" . DC  B 1 1  ? 7.689   -7.903  13.925  1.00 8.36  ? 11  DC  B "O5'" 1 
ATOM   204 C  "C5'" . DC  B 1 1  ? 7.221   -9.072  13.230  1.00 13.08 ? 11  DC  B "C5'" 1 
ATOM   205 C  "C4'" . DC  B 1 1  ? 6.362   -10.007 14.093  1.00 13.79 ? 11  DC  B "C4'" 1 
ATOM   206 O  "O4'" . DC  B 1 1  ? 5.810   -9.307  15.239  1.00 13.53 ? 11  DC  B "O4'" 1 
ATOM   207 C  "C3'" . DC  B 1 1  ? 5.155   -10.641 13.399  1.00 14.51 ? 11  DC  B "C3'" 1 
ATOM   208 O  "O3'" . DC  B 1 1  ? 4.791   -11.863 14.015  1.00 14.34 ? 11  DC  B "O3'" 1 
ATOM   209 C  "C2'" . DC  B 1 1  ? 4.087   -9.599  13.687  1.00 13.98 ? 11  DC  B "C2'" 1 
ATOM   210 C  "C1'" . DC  B 1 1  ? 4.399   -9.253  15.139  1.00 12.58 ? 11  DC  B "C1'" 1 
ATOM   211 N  N1    . DC  B 1 1  ? 3.908   -7.902  15.557  1.00 12.04 ? 11  DC  B N1    1 
ATOM   212 C  C2    . DC  B 1 1  ? 2.526   -7.691  15.759  1.00 11.72 ? 11  DC  B C2    1 
ATOM   213 O  O2    . DC  B 1 1  ? 1.745   -8.633  15.566  1.00 12.47 ? 11  DC  B O2    1 
ATOM   214 N  N3    . DC  B 1 1  ? 2.091   -6.456  16.149  1.00 10.78 ? 11  DC  B N3    1 
ATOM   215 C  C4    . DC  B 1 1  ? 2.963   -5.466  16.331  1.00 11.96 ? 11  DC  B C4    1 
ATOM   216 N  N4    . DC  B 1 1  ? 2.495   -4.276  16.710  1.00 12.40 ? 11  DC  B N4    1 
ATOM   217 C  C5    . DC  B 1 1  ? 4.359   -5.647  16.128  1.00 10.97 ? 11  DC  B C5    1 
ATOM   218 C  C6    . DC  B 1 1  ? 4.790   -6.868  15.752  1.00 12.22 ? 11  DC  B C6    1 
ATOM   219 P  P     . DC  B 1 2  ? 4.646   -13.252 13.241  1.00 14.32 ? 12  DC  B P     1 
ATOM   220 O  OP1   . DC  B 1 2  ? 4.075   -14.225 14.208  1.00 16.12 ? 12  DC  B OP1   1 
ATOM   221 O  OP2   . DC  B 1 2  ? 5.947   -13.563 12.621  1.00 15.26 ? 12  DC  B OP2   1 
ATOM   222 O  "O5'" . DC  B 1 2  ? 3.645   -12.918 12.036  1.00 13.07 ? 12  DC  B "O5'" 1 
ATOM   223 C  "C5'" . DC  B 1 2  ? 2.236   -13.086 12.192  1.00 10.78 ? 12  DC  B "C5'" 1 
ATOM   224 C  "C4'" . DC  B 1 2  ? 1.469   -12.229 11.206  1.00 8.26  ? 12  DC  B "C4'" 1 
ATOM   225 O  "O4'" . DC  B 1 2  ? 1.604   -10.810 11.466  1.00 8.30  ? 12  DC  B "O4'" 1 
ATOM   226 C  "C3'" . DC  B 1 2  ? 1.890   -12.373 9.763   1.00 8.53  ? 12  DC  B "C3'" 1 
ATOM   227 O  "O3'" . DC  B 1 2  ? 0.680   -12.494 9.071   1.00 8.58  ? 12  DC  B "O3'" 1 
ATOM   228 C  "C2'" . DC  B 1 2  ? 2.590   -11.044 9.462   1.00 7.11  ? 12  DC  B "C2'" 1 
ATOM   229 C  "C1'" . DC  B 1 2  ? 1.725   -10.079 10.258  1.00 7.83  ? 12  DC  B "C1'" 1 
ATOM   230 N  N1    . DC  B 1 2  ? 2.344   -8.814  10.731  1.00 7.18  ? 12  DC  B N1    1 
ATOM   231 C  C2    . DC  B 1 2  ? 1.559   -7.900  11.448  1.00 6.53  ? 12  DC  B C2    1 
ATOM   232 O  O2    . DC  B 1 2  ? 0.357   -8.123  11.627  1.00 6.18  ? 12  DC  B O2    1 
ATOM   233 N  N3    . DC  B 1 2  ? 2.124   -6.780  11.930  1.00 5.85  ? 12  DC  B N3    1 
ATOM   234 C  C4    . DC  B 1 2  ? 3.433   -6.560  11.751  1.00 5.93  ? 12  DC  B C4    1 
ATOM   235 N  N4    . DC  B 1 2  ? 3.955   -5.448  12.283  1.00 8.24  ? 12  DC  B N4    1 
ATOM   236 C  C5    . DC  B 1 2  ? 4.260   -7.476  11.027  1.00 8.27  ? 12  DC  B C5    1 
ATOM   237 C  C6    . DC  B 1 2  ? 3.684   -8.585  10.540  1.00 8.53  ? 12  DC  B C6    1 
ATOM   238 P  P     . DG  B 1 3  ? 0.306   -13.902 8.454   1.00 9.23  ? 13  DG  B P     1 
ATOM   239 O  OP1   . DG  B 1 3  ? 0.296   -14.855 9.595   1.00 10.62 ? 13  DG  B OP1   1 
ATOM   240 O  OP2   . DG  B 1 3  ? 1.178   -14.080 7.268   1.00 10.76 ? 13  DG  B OP2   1 
ATOM   241 O  "O5'" . DG  B 1 3  ? -1.180  -13.799 7.900   1.00 10.07 ? 13  DG  B "O5'" 1 
ATOM   242 C  "C5'" . DG  B 1 3  ? -2.285  -13.626 8.788   1.00 6.87  ? 13  DG  B "C5'" 1 
ATOM   243 C  "C4'" . DG  B 1 3  ? -3.072  -12.397 8.359   1.00 5.62  ? 13  DG  B "C4'" 1 
ATOM   244 O  "O4'" . DG  B 1 3  ? -2.234  -11.221 8.530   1.00 6.66  ? 13  DG  B "O4'" 1 
ATOM   245 C  "C3'" . DG  B 1 3  ? -3.487  -12.420 6.894   1.00 7.56  ? 13  DG  B "C3'" 1 
ATOM   246 O  "O3'" . DG  B 1 3  ? -4.741  -11.774 6.793   1.00 7.85  ? 13  DG  B "O3'" 1 
ATOM   247 C  "C2'" . DG  B 1 3  ? -2.384  -11.590 6.229   1.00 6.27  ? 13  DG  B "C2'" 1 
ATOM   248 C  "C1'" . DG  B 1 3  ? -2.173  -10.531 7.307   1.00 5.35  ? 13  DG  B "C1'" 1 
ATOM   249 N  N9    . DG  B 1 3  ? -0.909  -9.782  7.243   1.00 5.21  ? 13  DG  B N9    1 
ATOM   250 C  C8    . DG  B 1 3  ? 0.277   -10.173 6.647   1.00 6.11  ? 13  DG  B C8    1 
ATOM   251 N  N7    . DG  B 1 3  ? 1.236   -9.304  6.772   1.00 6.97  ? 13  DG  B N7    1 
ATOM   252 C  C5    . DG  B 1 3  ? 0.647   -8.269  7.500   1.00 6.12  ? 13  DG  B C5    1 
ATOM   253 C  C6    . DG  B 1 3  ? 1.211   -7.043  7.922   1.00 5.58  ? 13  DG  B C6    1 
ATOM   254 O  O6    . DG  B 1 3  ? 2.364   -6.633  7.724   1.00 6.72  ? 13  DG  B O6    1 
ATOM   255 N  N1    . DG  B 1 3  ? 0.289   -6.261  8.609   1.00 5.33  ? 13  DG  B N1    1 
ATOM   256 C  C2    . DG  B 1 3  ? -1.018  -6.645  8.861   1.00 4.08  ? 13  DG  B C2    1 
ATOM   257 N  N2    . DG  B 1 3  ? -1.753  -5.781  9.556   1.00 3.78  ? 13  DG  B N2    1 
ATOM   258 N  N3    . DG  B 1 3  ? -1.574  -7.789  8.476   1.00 3.80  ? 13  DG  B N3    1 
ATOM   259 C  C4    . DG  B 1 3  ? -0.670  -8.544  7.788   1.00 4.70  ? 13  DG  B C4    1 
ATOM   260 P  P     . DA  B 1 4  ? -6.073  -12.603 6.495   1.00 5.25  ? 14  DA  B P     1 
ATOM   261 O  OP1   . DA  B 1 4  ? -6.222  -13.734 7.426   1.00 8.66  ? 14  DA  B OP1   1 
ATOM   262 O  OP2   . DA  B 1 4  ? -6.017  -12.825 5.038   1.00 7.58  ? 14  DA  B OP2   1 
ATOM   263 O  "O5'" . DA  B 1 4  ? -7.218  -11.505 6.688   1.00 6.81  ? 14  DA  B "O5'" 1 
ATOM   264 C  "C5'" . DA  B 1 4  ? -7.394  -10.923 7.973   1.00 5.36  ? 14  DA  B "C5'" 1 
ATOM   265 C  "C4'" . DA  B 1 4  ? -7.602  -9.430  7.849   1.00 3.56  ? 14  DA  B "C4'" 1 
ATOM   266 O  "O4'" . DA  B 1 4  ? -6.344  -8.891  7.424   1.00 2.57  ? 14  DA  B "O4'" 1 
ATOM   267 C  "C3'" . DA  B 1 4  ? -8.612  -8.999  6.788   1.00 5.01  ? 14  DA  B "C3'" 1 
ATOM   268 O  "O3'" . DA  B 1 4  ? -9.430  -7.919  7.267   1.00 7.40  ? 14  DA  B "O3'" 1 
ATOM   269 C  "C2'" . DA  B 1 4  ? -7.728  -8.626  5.584   1.00 3.65  ? 14  DA  B "C2'" 1 
ATOM   270 C  "C1'" . DA  B 1 4  ? -6.510  -8.057  6.297   1.00 3.96  ? 14  DA  B "C1'" 1 
ATOM   271 N  N9    . DA  B 1 4  ? -5.217  -8.111  5.631   1.00 3.68  ? 14  DA  B N9    1 
ATOM   272 C  C8    . DA  B 1 4  ? -4.746  -9.100  4.803   1.00 4.12  ? 14  DA  B C8    1 
ATOM   273 N  N7    . DA  B 1 4  ? -3.521  -8.895  4.368   1.00 3.27  ? 14  DA  B N7    1 
ATOM   274 C  C5    . DA  B 1 4  ? -3.125  -7.710  4.976   1.00 3.10  ? 14  DA  B C5    1 
ATOM   275 C  C6    . DA  B 1 4  ? -1.934  -6.948  4.917   1.00 2.90  ? 14  DA  B C6    1 
ATOM   276 N  N6    . DA  B 1 4  ? -0.856  -7.281  4.220   1.00 3.92  ? 14  DA  B N6    1 
ATOM   277 N  N1    . DA  B 1 4  ? -1.881  -5.823  5.624   1.00 2.64  ? 14  DA  B N1    1 
ATOM   278 C  C2    . DA  B 1 4  ? -2.956  -5.445  6.343   1.00 4.42  ? 14  DA  B C2    1 
ATOM   279 N  N3    . DA  B 1 4  ? -4.135  -6.075  6.484   1.00 2.59  ? 14  DA  B N3    1 
ATOM   280 C  C4    . DA  B 1 4  ? -4.158  -7.215  5.766   1.00 3.83  ? 14  DA  B C4    1 
ATOM   281 P  P     . DT  B 1 5  ? -10.562 -7.264  6.335   1.00 10.35 ? 15  DT  B P     1 
ATOM   282 O  OP1   . DT  B 1 5  ? -11.681 -6.818  7.182   1.00 13.50 ? 15  DT  B OP1   1 
ATOM   283 O  OP2   . DT  B 1 5  ? -10.811 -8.137  5.170   1.00 9.88  ? 15  DT  B OP2   1 
ATOM   284 O  "O5'" . DT  B 1 5  ? -9.791  -5.975  5.784   1.00 11.89 ? 15  DT  B "O5'" 1 
ATOM   285 C  "C5'" . DT  B 1 5  ? -9.410  -4.847  6.608   1.00 11.38 ? 15  DT  B "C5'" 1 
ATOM   286 C  "C4'" . DT  B 1 5  ? -8.720  -3.833  5.700   1.00 10.10 ? 15  DT  B "C4'" 1 
ATOM   287 O  "O4'" . DT  B 1 5  ? -7.426  -4.358  5.332   1.00 10.62 ? 15  DT  B "O4'" 1 
ATOM   288 C  "C3'" . DT  B 1 5  ? -9.401  -3.592  4.352   1.00 10.68 ? 15  DT  B "C3'" 1 
ATOM   289 O  "O3'" . DT  B 1 5  ? -9.474  -2.230  4.035   1.00 13.59 ? 15  DT  B "O3'" 1 
ATOM   290 C  "C2'" . DT  B 1 5  ? -8.466  -4.204  3.323   1.00 8.21  ? 15  DT  B "C2'" 1 
ATOM   291 C  "C1'" . DT  B 1 5  ? -7.179  -3.860  4.034   1.00 9.61  ? 15  DT  B "C1'" 1 
ATOM   292 N  N1    . DT  B 1 5  ? -6.036  -4.542  3.455   1.00 8.07  ? 15  DT  B N1    1 
ATOM   293 C  C2    . DT  B 1 5  ? -4.781  -3.957  3.520   1.00 7.41  ? 15  DT  B C2    1 
ATOM   294 O  O2    . DT  B 1 5  ? -4.532  -2.900  4.061   1.00 4.40  ? 15  DT  B O2    1 
ATOM   295 N  N3    . DT  B 1 5  ? -3.811  -4.692  2.926   1.00 7.02  ? 15  DT  B N3    1 
ATOM   296 C  C4    . DT  B 1 5  ? -3.953  -5.897  2.284   1.00 5.60  ? 15  DT  B C4    1 
ATOM   297 O  O4    . DT  B 1 5  ? -2.975  -6.438  1.781   1.00 5.31  ? 15  DT  B O4    1 
ATOM   298 C  C5    . DT  B 1 5  ? -5.303  -6.435  2.227   1.00 7.95  ? 15  DT  B C5    1 
ATOM   299 C  C7    . DT  B 1 5  ? -5.633  -7.797  1.680   1.00 7.33  ? 15  DT  B C7    1 
ATOM   300 C  C6    . DT  B 1 5  ? -6.277  -5.741  2.818   1.00 6.97  ? 15  DT  B C6    1 
ATOM   301 P  P     . DA  B 1 6  ? -10.713 -1.367  4.488   1.00 11.67 ? 16  DA  B P     1 
ATOM   302 O  OP1   . DA  B 1 6  ? -11.008 -1.752  5.874   1.00 14.08 ? 16  DA  B OP1   1 
ATOM   303 O  OP2   . DA  B 1 6  ? -11.716 -1.509  3.430   1.00 12.15 ? 16  DA  B OP2   1 
ATOM   304 O  "O5'" . DA  B 1 6  ? -10.156 0.129   4.394   1.00 11.57 ? 16  DA  B "O5'" 1 
ATOM   305 C  "C5'" . DA  B 1 6  ? -9.137  0.555   5.267   1.00 8.42  ? 16  DA  B "C5'" 1 
ATOM   306 C  "C4'" . DA  B 1 6  ? -8.063  1.361   4.548   1.00 7.64  ? 16  DA  B "C4'" 1 
ATOM   307 O  "O4'" . DA  B 1 6  ? -7.185  0.503   3.774   1.00 7.69  ? 16  DA  B "O4'" 1 
ATOM   308 C  "C3'" . DA  B 1 6  ? -8.586  2.418   3.583   1.00 6.85  ? 16  DA  B "C3'" 1 
ATOM   309 O  "O3'" . DA  B 1 6  ? -7.842  3.653   3.798   1.00 7.84  ? 16  DA  B "O3'" 1 
ATOM   310 C  "C2'" . DA  B 1 6  ? -8.415  1.749   2.214   1.00 7.07  ? 16  DA  B "C2'" 1 
ATOM   311 C  "C1'" . DA  B 1 6  ? -7.136  0.926   2.430   1.00 5.61  ? 16  DA  B "C1'" 1 
ATOM   312 N  N9    . DA  B 1 6  ? -6.970  -0.314  1.662   1.00 5.59  ? 16  DA  B N9    1 
ATOM   313 C  C8    . DA  B 1 6  ? -7.950  -1.172  1.218   1.00 5.03  ? 16  DA  B C8    1 
ATOM   314 N  N7    . DA  B 1 6  ? -7.492  -2.226  0.590   1.00 4.60  ? 16  DA  B N7    1 
ATOM   315 C  C5    . DA  B 1 6  ? -6.111  -2.039  0.594   1.00 3.98  ? 16  DA  B C5    1 
ATOM   316 C  C6    . DA  B 1 6  ? -5.030  -2.778  0.065   1.00 3.49  ? 16  DA  B C6    1 
ATOM   317 N  N6    . DA  B 1 6  ? -5.183  -3.928  -0.590  1.00 2.78  ? 16  DA  B N6    1 
ATOM   318 N  N1    . DA  B 1 6  ? -3.763  -2.307  0.264   1.00 2.66  ? 16  DA  B N1    1 
ATOM   319 C  C2    . DA  B 1 6  ? -3.599  -1.169  0.920   1.00 2.77  ? 16  DA  B C2    1 
ATOM   320 N  N3    . DA  B 1 6  ? -4.544  -0.390  1.452   1.00 2.00  ? 16  DA  B N3    1 
ATOM   321 C  C4    . DA  B 1 6  ? -5.775  -0.871  1.265   1.00 3.63  ? 16  DA  B C4    1 
ATOM   322 P  P     . DT  B 1 7  ? -8.116  5.018   2.989   1.00 10.62 ? 17  DT  B P     1 
ATOM   323 O  OP1   . DT  B 1 7  ? -7.889  6.199   3.839   1.00 8.47  ? 17  DT  B OP1   1 
ATOM   324 O  OP2   . DT  B 1 7  ? -9.339  4.920   2.175   1.00 11.67 ? 17  DT  B OP2   1 
ATOM   325 O  "O5'" . DT  B 1 7  ? -6.912  4.905   1.930   1.00 11.11 ? 17  DT  B "O5'" 1 
ATOM   326 C  "C5'" . DT  B 1 7  ? -5.557  4.787   2.402   1.00 10.79 ? 17  DT  B "C5'" 1 
ATOM   327 C  "C4'" . DT  B 1 7  ? -4.602  4.461   1.258   1.00 10.39 ? 17  DT  B "C4'" 1 
ATOM   328 O  "O4'" . DT  B 1 7  ? -4.861  3.112   0.761   1.00 10.29 ? 17  DT  B "O4'" 1 
ATOM   329 C  "C3'" . DT  B 1 7  ? -4.649  5.393   0.038   1.00 11.02 ? 17  DT  B "C3'" 1 
ATOM   330 O  "O3'" . DT  B 1 7  ? -3.325  5.879   -0.184  1.00 11.96 ? 17  DT  B "O3'" 1 
ATOM   331 C  "C2'" . DT  B 1 7  ? -5.103  4.487   -1.103  1.00 8.30  ? 17  DT  B "C2'" 1 
ATOM   332 C  "C1'" . DT  B 1 7  ? -4.630  3.117   -0.627  1.00 8.00  ? 17  DT  B "C1'" 1 
ATOM   333 N  N1    . DT  B 1 7  ? -5.292  1.902   -1.232  1.00 5.88  ? 17  DT  B N1    1 
ATOM   334 C  C2    . DT  B 1 7  ? -4.468  0.968   -1.844  1.00 4.08  ? 17  DT  B C2    1 
ATOM   335 O  O2    . DT  B 1 7  ? -3.256  1.094   -1.898  1.00 5.58  ? 17  DT  B O2    1 
ATOM   336 N  N3    . DT  B 1 7  ? -5.117  -0.112  -2.387  1.00 4.58  ? 17  DT  B N3    1 
ATOM   337 C  C4    . DT  B 1 7  ? -6.490  -0.362  -2.380  1.00 4.22  ? 17  DT  B C4    1 
ATOM   338 O  O4    . DT  B 1 7  ? -6.985  -1.382  -2.900  1.00 6.52  ? 17  DT  B O4    1 
ATOM   339 C  C5    . DT  B 1 7  ? -7.299  0.667   -1.731  1.00 3.54  ? 17  DT  B C5    1 
ATOM   340 C  C7    . DT  B 1 7  ? -8.783  0.647   -1.856  1.00 2.36  ? 17  DT  B C7    1 
ATOM   341 C  C6    . DT  B 1 7  ? -6.673  1.735   -1.200  1.00 4.06  ? 17  DT  B C6    1 
ATOM   342 P  P     . DC  B 1 8  ? -2.905  7.211   -0.951  1.00 15.47 ? 18  DC  B P     1 
ATOM   343 O  OP1   . DC  B 1 8  ? -2.598  8.240   0.057   1.00 16.36 ? 18  DC  B OP1   1 
ATOM   344 O  OP2   . DC  B 1 8  ? -3.846  7.539   -2.048  1.00 13.82 ? 18  DC  B OP2   1 
ATOM   345 O  "O5'" . DC  B 1 8  ? -1.511  6.730   -1.538  1.00 14.59 ? 18  DC  B "O5'" 1 
ATOM   346 C  "C5'" . DC  B 1 8  ? -1.438  5.501   -2.183  1.00 12.90 ? 18  DC  B "C5'" 1 
ATOM   347 C  "C4'" . DC  B 1 8  ? -1.231  5.677   -3.671  1.00 14.40 ? 18  DC  B "C4'" 1 
ATOM   348 O  "O4'" . DC  B 1 8  ? -2.010  4.636   -4.284  1.00 11.76 ? 18  DC  B "O4'" 1 
ATOM   349 C  "C3'" . DC  B 1 8  ? -1.695  6.987   -4.324  1.00 13.60 ? 18  DC  B "C3'" 1 
ATOM   350 O  "O3'" . DC  B 1 8  ? -0.790  7.366   -5.364  1.00 15.47 ? 18  DC  B "O3'" 1 
ATOM   351 C  "C2'" . DC  B 1 8  ? -3.095  6.672   -4.845  1.00 13.22 ? 18  DC  B "C2'" 1 
ATOM   352 C  "C1'" . DC  B 1 8  ? -2.986  5.175   -5.139  1.00 11.95 ? 18  DC  B "C1'" 1 
ATOM   353 N  N1    . DC  B 1 8  ? -4.225  4.320   -4.981  1.00 12.87 ? 18  DC  B N1    1 
ATOM   354 C  C2    . DC  B 1 8  ? -4.137  2.975   -5.344  1.00 10.82 ? 18  DC  B C2    1 
ATOM   355 O  O2    . DC  B 1 8  ? -3.063  2.518   -5.753  1.00 12.56 ? 18  DC  B O2    1 
ATOM   356 N  N3    . DC  B 1 8  ? -5.235  2.199   -5.217  1.00 9.62  ? 18  DC  B N3    1 
ATOM   357 C  C4    . DC  B 1 8  ? -6.374  2.710   -4.764  1.00 10.22 ? 18  DC  B C4    1 
ATOM   358 N  N4    . DC  B 1 8  ? -7.421  1.899   -4.671  1.00 11.79 ? 18  DC  B N4    1 
ATOM   359 C  C5    . DC  B 1 8  ? -6.503  4.070   -4.398  1.00 11.19 ? 18  DC  B C5    1 
ATOM   360 C  C6    . DC  B 1 8  ? -5.413  4.844   -4.524  1.00 12.08 ? 18  DC  B C6    1 
ATOM   361 P  P     . DG  B 1 9  ? 0.567   8.150   -4.996  1.00 13.51 ? 19  DG  B P     1 
ATOM   362 O  OP1   . DG  B 1 9  ? 1.149   7.659   -3.713  1.00 13.69 ? 19  DG  B OP1   1 
ATOM   363 O  OP2   . DG  B 1 9  ? 0.261   9.583   -5.143  1.00 13.22 ? 19  DG  B OP2   1 
ATOM   364 O  "O5'" . DG  B 1 9  ? 1.537   7.703   -6.179  1.00 12.92 ? 19  DG  B "O5'" 1 
ATOM   365 C  "C5'" . DG  B 1 9  ? 1.890   6.317   -6.301  1.00 13.20 ? 19  DG  B "C5'" 1 
ATOM   366 C  "C4'" . DG  B 1 9  ? 1.542   5.767   -7.676  1.00 12.01 ? 19  DG  B "C4'" 1 
ATOM   367 O  "O4'" . DG  B 1 9  ? 0.148   5.357   -7.722  1.00 12.32 ? 19  DG  B "O4'" 1 
ATOM   368 C  "C3'" . DG  B 1 9  ? 1.710   6.723   -8.859  1.00 12.14 ? 19  DG  B "C3'" 1 
ATOM   369 O  "O3'" . DG  B 1 9  ? 2.126   5.964   -9.961  1.00 15.39 ? 19  DG  B "O3'" 1 
ATOM   370 C  "C2'" . DG  B 1 9  ? 0.304   7.240   -9.097  1.00 13.34 ? 19  DG  B "C2'" 1 
ATOM   371 C  "C1'" . DG  B 1 9  ? -0.471  5.946   -8.853  1.00 10.63 ? 19  DG  B "C1'" 1 
ATOM   372 N  N9    . DG  B 1 9  ? -1.911  6.067   -8.607  1.00 10.53 ? 19  DG  B N9    1 
ATOM   373 C  C8    . DG  B 1 9  ? -2.618  7.204   -8.255  1.00 10.93 ? 19  DG  B C8    1 
ATOM   374 N  N7    . DG  B 1 9  ? -3.898  7.000   -8.124  1.00 9.44  ? 19  DG  B N7    1 
ATOM   375 C  C5    . DG  B 1 9  ? -4.038  5.631   -8.396  1.00 10.03 ? 19  DG  B C5    1 
ATOM   376 C  C6    . DG  B 1 9  ? -5.204  4.817   -8.397  1.00 9.82  ? 19  DG  B C6    1 
ATOM   377 O  O6    . DG  B 1 9  ? -6.357  5.184   -8.151  1.00 10.27 ? 19  DG  B O6    1 
ATOM   378 N  N1    . DG  B 1 9  ? -4.931  3.478   -8.716  1.00 9.17  ? 19  DG  B N1    1 
ATOM   379 C  C2    . DG  B 1 9  ? -3.676  2.995   -9.020  1.00 7.32  ? 19  DG  B C2    1 
ATOM   380 N  N2    . DG  B 1 9  ? -3.591  1.696   -9.342  1.00 9.38  ? 19  DG  B N2    1 
ATOM   381 N  N3    . DG  B 1 9  ? -2.579  3.736   -9.017  1.00 8.22  ? 19  DG  B N3    1 
ATOM   382 C  C4    . DG  B 1 9  ? -2.831  5.048   -8.709  1.00 9.03  ? 19  DG  B C4    1 
ATOM   383 P  P     . DG  B 1 10 ? 3.630   6.112   -10.495 1.00 15.25 ? 20  DG  B P     1 
ATOM   384 O  OP1   . DG  B 1 10 ? 4.559   5.757   -9.391  1.00 12.71 ? 20  DG  B OP1   1 
ATOM   385 O  OP2   . DG  B 1 10 ? 3.729   7.434   -11.141 1.00 14.30 ? 20  DG  B OP2   1 
ATOM   386 O  "O5'" . DG  B 1 10 ? 3.689   4.910   -11.554 1.00 14.24 ? 20  DG  B "O5'" 1 
ATOM   387 C  "C5'" . DG  B 1 10 ? 3.738   3.530   -11.181 1.00 9.17  ? 20  DG  B "C5'" 1 
ATOM   388 C  "C4'" . DG  B 1 10 ? 2.960   2.649   -12.160 1.00 11.11 ? 20  DG  B "C4'" 1 
ATOM   389 O  "O4'" . DG  B 1 10 ? 1.550   2.966   -12.044 1.00 11.89 ? 20  DG  B "O4'" 1 
ATOM   390 C  "C3'" . DG  B 1 10 ? 3.274   2.823   -13.645 1.00 12.08 ? 20  DG  B "C3'" 1 
ATOM   391 O  "O3'" . DG  B 1 10 ? 3.151   1.597   -14.445 1.00 10.90 ? 20  DG  B "O3'" 1 
ATOM   392 C  "C2'" . DG  B 1 10 ? 2.272   3.889   -14.092 1.00 12.22 ? 20  DG  B "C2'" 1 
ATOM   393 C  "C1'" . DG  B 1 10 ? 1.053   3.506   -13.268 1.00 12.03 ? 20  DG  B "C1'" 1 
ATOM   394 N  N9    . DG  B 1 10 ? 0.155   4.614   -12.924 1.00 11.90 ? 20  DG  B N9    1 
ATOM   395 C  C8    . DG  B 1 10 ? 0.462   5.924   -12.633 1.00 11.53 ? 20  DG  B C8    1 
ATOM   396 N  N7    . DG  B 1 10 ? -0.573  6.664   -12.343 1.00 12.39 ? 20  DG  B N7    1 
ATOM   397 C  C5    . DG  B 1 10 ? -1.656  5.776   -12.438 1.00 12.96 ? 20  DG  B C5    1 
ATOM   398 C  C6    . DG  B 1 10 ? -3.060  5.955   -12.242 1.00 12.87 ? 20  DG  B C6    1 
ATOM   399 O  O6    . DG  B 1 10 ? -3.696  6.969   -11.932 1.00 13.59 ? 20  DG  B O6    1 
ATOM   400 N  N1    . DG  B 1 10 ? -3.776  4.788   -12.442 1.00 11.10 ? 20  DG  B N1    1 
ATOM   401 C  C2    . DG  B 1 10 ? -3.232  3.572   -12.784 1.00 11.24 ? 20  DG  B C2    1 
ATOM   402 N  N2    . DG  B 1 10 ? -4.087  2.548   -12.948 1.00 11.64 ? 20  DG  B N2    1 
ATOM   403 N  N3    . DG  B 1 10 ? -1.932  3.380   -12.972 1.00 10.94 ? 20  DG  B N3    1 
ATOM   404 C  C4    . DG  B 1 10 ? -1.210  4.513   -12.781 1.00 12.54 ? 20  DG  B C4    1 
HETATM 405 NA NA    . NA  C 2 .  ? 6.772   -2.733  2.173   0.50 8.53  ? 68  NA  A NA    1 
HETATM 406 O  O     . HOH D 3 .  ? 0.073   1.089   3.433   1.00 2.00  ? 21  HOH A O     1 
HETATM 407 O  O     . HOH D 3 .  ? -6.031  11.658  -7.975  1.00 5.32  ? 22  HOH A O     1 
HETATM 408 O  O     . HOH D 3 .  ? 0.969   3.691   -1.638  1.00 12.00 ? 24  HOH A O     1 
HETATM 409 O  O     . HOH D 3 .  ? 2.043   3.024   4.715   1.00 6.94  ? 25  HOH A O     1 
HETATM 410 O  O     . HOH D 3 .  ? -8.870  5.261   -4.662  1.00 9.66  ? 30  HOH A O     1 
HETATM 411 O  O     . HOH D 3 .  ? -6.313  9.020   -8.871  1.00 14.03 ? 33  HOH A O     1 
HETATM 412 O  O     . HOH D 3 .  ? 2.393   3.362   1.412   1.00 55.16 ? 41  HOH A O     1 
HETATM 413 O  O     . HOH D 3 .  ? -5.616  -7.315  -4.419  1.00 11.83 ? 42  HOH A O     1 
HETATM 414 O  O     . HOH D 3 .  ? -10.067 -1.093  -5.013  1.00 9.11  ? 43  HOH A O     1 
HETATM 415 O  O     . HOH D 3 .  ? -2.880  -13.026 -5.360  1.00 8.52  ? 45  HOH A O     1 
HETATM 416 O  O     . HOH D 3 .  ? 13.289  6.007   4.540   1.00 5.55  ? 47  HOH A O     1 
HETATM 417 O  O     . HOH D 3 .  ? 4.300   -8.580  1.892   1.00 12.69 ? 48  HOH A O     1 
HETATM 418 O  O     . HOH D 3 .  ? -7.295  -0.463  -14.839 1.00 12.81 ? 49  HOH A O     1 
HETATM 419 O  O     . HOH D 3 .  ? 17.696  11.958  -0.772  1.00 8.16  ? 50  HOH A O     1 
HETATM 420 O  O     . HOH D 3 .  ? 4.365   1.672   -3.074  1.00 14.01 ? 54  HOH A O     1 
HETATM 421 O  O     . HOH D 3 .  ? 16.111  9.662   -1.555  1.00 5.22  ? 56  HOH A O     1 
HETATM 422 O  O     . HOH D 3 .  ? 10.730  12.307  -5.270  1.00 16.28 ? 57  HOH A O     1 
HETATM 423 O  O     . HOH D 3 .  ? 8.720   13.432  11.230  1.00 11.71 ? 58  HOH A O     1 
HETATM 424 O  O     . HOH D 3 .  ? -12.225 5.272   -9.471  1.00 10.25 ? 59  HOH A O     1 
HETATM 425 O  O     . HOH D 3 .  ? -7.784  -3.438  -16.699 1.00 28.17 ? 60  HOH A O     1 
HETATM 426 O  O     . HOH D 3 .  ? 17.178  11.292  2.020   1.00 8.79  ? 61  HOH A O     1 
HETATM 427 O  O     . HOH D 3 .  ? -4.320  -7.869  -2.657  1.00 5.78  ? 62  HOH A O     1 
HETATM 428 O  O     . HOH D 3 .  ? -12.726 -2.438  -5.945  1.00 9.77  ? 63  HOH A O     1 
HETATM 429 O  O     . HOH D 3 .  ? 8.238   -9.891  -5.499  1.00 10.78 ? 64  HOH A O     1 
HETATM 430 O  O     . HOH D 3 .  ? -7.268  -8.196  -12.642 1.00 29.05 ? 69  HOH A O     1 
HETATM 431 O  O     . HOH D 3 .  ? 15.605  9.681   -4.848  1.00 20.45 ? 70  HOH A O     1 
HETATM 432 O  O     . HOH D 3 .  ? -10.082 3.732   -8.858  1.00 33.46 ? 71  HOH A O     1 
HETATM 433 O  O     . HOH D 3 .  ? -3.633  -3.371  -14.316 1.00 7.72  ? 73  HOH A O     1 
HETATM 434 O  O     . HOH D 3 .  ? -4.406  -1.978  -12.484 1.00 16.67 ? 74  HOH A O     1 
HETATM 435 O  O     . HOH D 3 .  ? -5.785  -13.137 -3.078  1.00 10.56 ? 76  HOH A O     1 
HETATM 436 O  O     . HOH D 3 .  ? 1.860   -7.554  1.161   1.00 9.12  ? 77  HOH A O     1 
HETATM 437 O  O     . HOH D 3 .  ? -11.831 1.303   -4.315  1.00 22.14 ? 78  HOH A O     1 
HETATM 438 O  O     . HOH D 3 .  ? 15.378  16.031  7.763   1.00 22.83 ? 81  HOH A O     1 
HETATM 439 O  O     . HOH D 3 .  ? 12.603  13.277  11.630  1.00 20.25 ? 84  HOH A O     1 
HETATM 440 O  O     . HOH D 3 .  ? 0.383   -8.280  -5.790  1.00 19.59 ? 86  HOH A O     1 
HETATM 441 O  O     . HOH D 3 .  ? -7.551  -8.547  -10.076 1.00 22.74 ? 89  HOH A O     1 
HETATM 442 O  O     . HOH D 3 .  ? 13.424  9.189   4.599   1.00 15.31 ? 94  HOH A O     1 
HETATM 443 O  O     . HOH D 3 .  ? -6.409  -8.359  -6.953  1.00 15.80 ? 98  HOH A O     1 
HETATM 444 O  O     . HOH D 3 .  ? -12.857 0.720   -15.523 1.00 9.43  ? 99  HOH A O     1 
HETATM 445 O  O     . HOH D 3 .  ? 15.924  9.532   1.771   1.00 13.98 ? 100 HOH A O     1 
HETATM 446 O  O     . HOH D 3 .  ? 6.890   -4.282  -2.185  1.00 13.72 ? 102 HOH A O     1 
HETATM 447 O  O     . HOH D 3 .  ? 10.561  12.275  12.679  1.00 32.06 ? 103 HOH A O     1 
HETATM 448 O  O     . HOH D 3 .  ? 4.620   12.478  9.647   1.00 17.16 ? 105 HOH A O     1 
HETATM 449 O  O     . HOH D 3 .  ? 14.423  12.914  -2.130  1.00 3.97  ? 106 HOH A O     1 
HETATM 450 O  O     . HOH D 3 .  ? -11.018 -1.072  -2.799  1.00 17.81 ? 107 HOH A O     1 
HETATM 451 O  O     . HOH D 3 .  ? 5.767   3.741   -2.337  1.00 14.87 ? 108 HOH A O     1 
HETATM 452 O  O     . HOH D 3 .  ? 8.470   -7.451  -4.538  1.00 22.90 ? 109 HOH A O     1 
HETATM 453 O  O     . HOH D 3 .  ? 12.374  10.330  -4.601  1.00 14.19 ? 110 HOH A O     1 
HETATM 454 O  O     . HOH D 3 .  ? 9.603   -14.631 -4.933  1.00 19.62 ? 114 HOH A O     1 
HETATM 455 O  O     . HOH D 3 .  ? 6.560   -6.437  -3.113  1.00 6.59  ? 115 HOH A O     1 
HETATM 456 O  O     . HOH D 3 .  ? 8.716   -12.483 -5.725  1.00 40.12 ? 118 HOH A O     1 
HETATM 457 O  O     . HOH D 3 .  ? -14.539 -0.879  -10.233 1.00 16.36 ? 119 HOH A O     1 
HETATM 458 O  O     . HOH D 3 .  ? 4.823   4.090   -0.256  1.00 10.21 ? 120 HOH A O     1 
HETATM 459 O  O     . HOH D 3 .  ? 6.668   -4.963  -8.194  1.00 11.24 ? 121 HOH A O     1 
HETATM 460 O  O     . HOH D 3 .  ? 10.361  -7.325  -6.009  1.00 20.46 ? 122 HOH A O     1 
HETATM 461 O  O     . HOH D 3 .  ? 16.517  7.516   -1.079  1.00 7.59  ? 123 HOH A O     1 
HETATM 462 O  O     . HOH D 3 .  ? 6.664   11.618  4.999   1.00 16.26 ? 125 HOH A O     1 
HETATM 463 O  O     . HOH D 3 .  ? -11.634 -5.167  -6.584  0.50 19.87 ? 127 HOH A O     1 
HETATM 464 O  O     . HOH D 3 .  ? -8.712  -6.580  -15.796 1.00 17.66 ? 128 HOH A O     1 
HETATM 465 O  O     . HOH D 3 .  ? 9.340   -4.301  -2.566  1.00 17.90 ? 132 HOH A O     1 
HETATM 466 O  O     . HOH D 3 .  ? 14.635  11.922  2.149   1.00 9.47  ? 134 HOH A O     1 
HETATM 467 O  O     . HOH D 3 .  ? -7.163  0.341   -12.562 1.00 29.30 ? 139 HOH A O     1 
HETATM 468 O  O     . HOH E 3 .  ? -1.138  9.725   -0.830  1.00 6.88  ? 23  HOH B O     1 
HETATM 469 O  O     . HOH E 3 .  ? -10.884 6.541   2.805   1.00 10.79 ? 26  HOH B O     1 
HETATM 470 O  O     . HOH E 3 .  ? -8.951  4.951   -0.259  1.00 14.19 ? 27  HOH B O     1 
HETATM 471 O  O     . HOH E 3 .  ? -3.230  12.076  1.218   1.00 16.17 ? 28  HOH B O     1 
HETATM 472 O  O     . HOH E 3 .  ? -1.308  5.544   3.178   1.00 9.33  ? 29  HOH B O     1 
HETATM 473 O  O     . HOH E 3 .  ? -9.508  6.339   -2.417  1.00 19.80 ? 31  HOH B O     1 
HETATM 474 O  O     . HOH E 3 .  ? -13.354 5.417   -0.507  1.00 14.15 ? 32  HOH B O     1 
HETATM 475 O  O     . HOH E 3 .  ? -5.641  7.517   0.937   1.00 15.33 ? 34  HOH B O     1 
HETATM 476 O  O     . HOH E 3 .  ? -15.750 5.610   0.627   1.00 17.61 ? 35  HOH B O     1 
HETATM 477 O  O     . HOH E 3 .  ? -0.193  6.551   1.228   1.00 16.85 ? 36  HOH B O     1 
HETATM 478 O  O     . HOH E 3 .  ? -6.808  9.869   1.757   1.00 28.68 ? 37  HOH B O     1 
HETATM 479 O  O     . HOH E 3 .  ? -7.166  7.341   -2.565  1.00 32.00 ? 38  HOH B O     1 
HETATM 480 O  O     . HOH E 3 .  ? -1.588  4.567   1.084   1.00 30.93 ? 39  HOH B O     1 
HETATM 481 O  O     . HOH E 3 .  ? 0.951   4.686   3.260   1.00 40.35 ? 40  HOH B O     1 
HETATM 482 O  O     . HOH E 3 .  ? 5.616   -8.374  4.767   1.00 7.47  ? 44  HOH B O     1 
HETATM 483 O  O     . HOH E 3 .  ? -9.301  -6.077  10.945  1.00 12.92 ? 46  HOH B O     1 
HETATM 484 O  O     . HOH E 3 .  ? 4.524   -7.864  7.246   1.00 10.35 ? 51  HOH B O     1 
HETATM 485 O  O     . HOH E 3 .  ? -2.219  8.421   -10.810 1.00 22.49 ? 52  HOH B O     1 
HETATM 486 O  O     . HOH E 3 .  ? 0.085   2.627   -9.949  1.00 13.68 ? 53  HOH B O     1 
HETATM 487 O  O     . HOH E 3 .  ? 0.408   -11.960 2.822   1.00 12.85 ? 55  HOH B O     1 
HETATM 488 O  O     . HOH E 3 .  ? 4.348   0.038   14.331  1.00 11.27 ? 65  HOH B O     1 
HETATM 489 O  O     . HOH E 3 .  ? 4.283   6.532   -13.895 1.00 12.22 ? 66  HOH B O     1 
HETATM 490 O  O     . HOH E 3 .  ? -5.683  -4.628  8.147   1.00 9.33  ? 67  HOH B O     1 
HETATM 491 O  O     . HOH E 3 .  ? -9.802  -7.937  9.656   1.00 20.05 ? 72  HOH B O     1 
HETATM 492 O  O     . HOH E 3 .  ? -6.836  -6.434  9.585   1.00 19.26 ? 75  HOH B O     1 
HETATM 493 O  O     . HOH E 3 .  ? 6.827   -10.051 9.578   1.00 4.09  ? 79  HOH B O     1 
HETATM 494 O  O     . HOH E 3 .  ? 0.174   0.442   -8.450  1.00 5.97  ? 80  HOH B O     1 
HETATM 495 O  O     . HOH E 3 .  ? -6.311  -10.829 2.912   1.00 18.17 ? 82  HOH B O     1 
HETATM 496 O  O     . HOH E 3 .  ? -0.530  2.938   -6.502  1.00 6.80  ? 83  HOH B O     1 
HETATM 497 O  O     . HOH E 3 .  ? -12.391 -1.440  9.961   1.00 12.88 ? 85  HOH B O     1 
HETATM 498 O  O     . HOH E 3 .  ? -7.970  -9.777  1.483   1.00 17.00 ? 87  HOH B O     1 
HETATM 499 O  O     . HOH E 3 .  ? -14.521 4.764   3.117   0.50 9.85  ? 88  HOH B O     1 
HETATM 500 O  O     . HOH E 3 .  ? -15.160 -0.639  8.535   1.00 22.00 ? 90  HOH B O     1 
HETATM 501 O  O     . HOH E 3 .  ? 0.895   -20.006 9.429   1.00 11.19 ? 91  HOH B O     1 
HETATM 502 O  O     . HOH E 3 .  ? -4.114  -6.706  8.484   1.00 17.97 ? 92  HOH B O     1 
HETATM 503 O  O     . HOH E 3 .  ? 3.979   -2.130  14.702  1.00 5.65  ? 93  HOH B O     1 
HETATM 504 O  O     . HOH E 3 .  ? 6.680   -9.403  7.246   1.00 6.19  ? 95  HOH B O     1 
HETATM 505 O  O     . HOH E 3 .  ? 7.814   -13.466 15.768  1.00 15.68 ? 96  HOH B O     1 
HETATM 506 O  O     . HOH E 3 .  ? -14.590 -2.369  12.028  1.00 19.36 ? 97  HOH B O     1 
HETATM 507 O  O     . HOH E 3 .  ? -1.467  -10.018 11.092  1.00 5.54  ? 101 HOH B O     1 
HETATM 508 O  O     . HOH E 3 .  ? -11.886 -4.273  2.209   1.00 10.99 ? 104 HOH B O     1 
HETATM 509 O  O     . HOH E 3 .  ? -2.043  -17.388 6.493   1.00 14.67 ? 111 HOH B O     1 
HETATM 510 O  O     . HOH E 3 .  ? 6.110   -12.532 7.215   1.00 23.06 ? 112 HOH B O     1 
HETATM 511 O  O     . HOH E 3 .  ? 5.744   -14.764 5.956   1.00 19.31 ? 113 HOH B O     1 
HETATM 512 O  O     . HOH E 3 .  ? -13.949 2.792   1.191   0.50 11.52 ? 116 HOH B O     1 
HETATM 513 O  O     . HOH E 3 .  ? 7.558   -4.977  12.527  1.00 15.68 ? 117 HOH B O     1 
HETATM 514 O  O     . HOH E 3 .  ? -12.436 -3.680  10.921  1.00 13.90 ? 124 HOH B O     1 
HETATM 515 O  O     . HOH E 3 .  ? -3.068  -1.215  6.054   1.00 20.88 ? 126 HOH B O     1 
HETATM 516 O  O     . HOH E 3 .  ? -7.140  -0.596  7.169   1.00 16.24 ? 129 HOH B O     1 
HETATM 517 O  O     . HOH E 3 .  ? 3.122   -8.696  4.855   1.00 16.87 ? 130 HOH B O     1 
HETATM 518 O  O     . HOH E 3 .  ? -9.925  -2.749  10.910  1.00 8.23  ? 131 HOH B O     1 
HETATM 519 O  O     . HOH E 3 .  ? -4.083  0.855   5.717   1.00 9.96  ? 133 HOH B O     1 
HETATM 520 O  O     . HOH E 3 .  ? 6.071   -3.267  13.711  1.00 19.40 ? 135 HOH B O     1 
HETATM 521 O  O     . HOH E 3 .  ? -10.756 1.787   8.389   1.00 17.95 ? 136 HOH B O     1 
HETATM 522 O  O     . HOH E 3 .  ? 9.159   -14.883 3.777   1.00 20.57 ? 137 HOH B O     1 
HETATM 523 O  O     . HOH E 3 .  ? -1.432  -20.638 10.005  1.00 29.34 ? 138 HOH B O     1 
# 
